data_8EQA
#
_entry.id   8EQA
#
_cell.length_a   63.558
_cell.length_b   110.568
_cell.length_c   130.679
_cell.angle_alpha   90.000
_cell.angle_beta   90.000
_cell.angle_gamma   90.000
#
_symmetry.space_group_name_H-M   'P 2 21 21'
#
loop_
_entity.id
_entity.type
_entity.pdbx_description
1 polymer '2H08 Fab light chain'
2 polymer '2H08 Fab heavy chain'
3 non-polymer 'ZINC ION'
4 water water
#
loop_
_entity_poly.entity_id
_entity_poly.type
_entity_poly.pdbx_seq_one_letter_code
_entity_poly.pdbx_strand_id
1 'polypeptide(L)'
;DIQMTQSPSSLSASVGDRVTITCRASQSLSGYLNWYQQKPGKAPKLLIYATSTLQRGVPSRFSGSGSGTDFTLTISSLQP
EDFAIYYCQQSYSTPPYTFGQGTKVEIKRTVAAPSVFIFPPSDEQLKSGTASVVCLLNNFYPREAKVQWKVDNALQSGNS
QESVTEQDSKDSTYSLSSTLTLSKADYEKHKVYACEVTHQGLSSPVTKSFNRGEC
;
L,A
2 'polypeptide(L)'
;QVQLQESGPGLVKPSETLSLTCTVSGDSVSSTNYYWGWIRQPPGKGLEWIGSIYYRGITYNSPSLMNRVTISLDTAKNQF
SLNLSSMTAADTAVYFCANSIAVSGPLYFHHWGQGTLVTVSSASTKGPSVFPLAPSSKSTSGGTAALGCLVKDYFPEPVT
VSWNSGALTSGVHTFPAVLQSSGLYSLSSVVTVPSSSLGTQTYICNVNHKPSNTKVDKRVEPKSC
;
H,B
#
# COMPACT_ATOMS: atom_id res chain seq x y z
N ASP A 1 -54.92 2.57 2.53
CA ASP A 1 -56.06 2.80 3.41
C ASP A 1 -55.76 3.90 4.41
N ILE A 2 -55.23 3.53 5.57
CA ILE A 2 -54.95 4.49 6.62
C ILE A 2 -53.63 5.20 6.34
N GLN A 3 -53.63 6.51 6.53
CA GLN A 3 -52.49 7.35 6.21
C GLN A 3 -52.02 8.14 7.42
N MET A 4 -50.72 8.40 7.48
CA MET A 4 -50.13 9.15 8.57
C MET A 4 -49.71 10.53 8.09
N THR A 5 -49.96 11.53 8.93
CA THR A 5 -49.66 12.92 8.60
C THR A 5 -48.87 13.53 9.76
N GLN A 6 -47.58 13.77 9.54
CA GLN A 6 -46.70 14.31 10.56
C GLN A 6 -46.57 15.83 10.41
N SER A 7 -46.54 16.53 11.54
CA SER A 7 -46.35 17.97 11.53
C SER A 7 -45.47 18.37 12.71
N PRO A 8 -44.49 19.26 12.49
CA PRO A 8 -44.18 19.85 11.18
C PRO A 8 -43.19 19.01 10.39
N SER A 9 -42.80 19.48 9.19
CA SER A 9 -41.81 18.75 8.41
C SER A 9 -40.40 19.00 8.91
N SER A 10 -40.07 20.26 9.22
CA SER A 10 -38.75 20.62 9.74
C SER A 10 -38.94 21.50 10.97
N LEU A 11 -37.89 21.54 11.80
CA LEU A 11 -37.98 22.20 13.08
C LEU A 11 -36.58 22.57 13.54
N SER A 12 -36.45 23.77 14.09
CA SER A 12 -35.18 24.26 14.62
C SER A 12 -35.43 24.86 15.99
N ALA A 13 -34.72 24.37 17.00
CA ALA A 13 -34.92 24.82 18.37
C ALA A 13 -33.57 24.90 19.08
N SER A 14 -33.50 25.75 20.09
CA SER A 14 -32.27 25.93 20.84
C SER A 14 -32.11 24.78 21.83
N VAL A 15 -30.88 24.62 22.34
CA VAL A 15 -30.60 23.54 23.27
C VAL A 15 -31.31 23.82 24.58
N GLY A 16 -31.99 22.80 25.11
CA GLY A 16 -32.66 22.88 26.39
C GLY A 16 -34.14 23.16 26.33
N ASP A 17 -34.63 23.75 25.24
CA ASP A 17 -36.05 24.07 25.17
C ASP A 17 -36.86 22.82 24.82
N ARG A 18 -38.18 22.95 24.90
CA ARG A 18 -39.09 21.85 24.68
C ARG A 18 -39.67 21.89 23.27
N VAL A 19 -39.70 20.73 22.60
CA VAL A 19 -40.13 20.62 21.22
C VAL A 19 -41.24 19.58 21.13
N THR A 20 -42.23 19.85 20.27
CA THR A 20 -43.38 18.98 20.10
C THR A 20 -43.55 18.60 18.63
N ILE A 21 -43.74 17.31 18.38
CA ILE A 21 -43.95 16.77 17.04
C ILE A 21 -45.30 16.08 17.02
N THR A 22 -46.11 16.38 16.00
CA THR A 22 -47.47 15.87 15.91
C THR A 22 -47.63 14.94 14.71
N CYS A 23 -48.29 13.81 14.94
CA CYS A 23 -48.61 12.85 13.90
C CYS A 23 -50.11 12.59 13.93
N ARG A 24 -50.79 12.80 12.81
CA ARG A 24 -52.24 12.74 12.71
C ARG A 24 -52.68 11.56 11.85
N ALA A 25 -53.78 10.94 12.25
CA ALA A 25 -54.23 9.69 11.67
C ALA A 25 -55.47 9.90 10.82
N SER A 26 -55.58 9.10 9.76
CA SER A 26 -56.75 9.17 8.89
C SER A 26 -58.02 8.77 9.64
N GLN A 27 -57.95 7.70 10.42
CA GLN A 27 -59.10 7.19 11.17
C GLN A 27 -58.68 7.01 12.63
N SER A 28 -59.58 6.46 13.43
CA SER A 28 -59.25 6.19 14.82
C SER A 28 -58.20 5.10 14.81
N LEU A 29 -56.93 5.50 14.99
CA LEU A 29 -55.80 4.54 14.95
C LEU A 29 -56.12 3.38 15.86
N SER A 30 -55.89 3.56 17.17
CA SER A 30 -56.22 2.55 18.16
C SER A 30 -55.41 1.27 18.00
N GLY A 31 -54.96 0.99 16.77
CA GLY A 31 -53.99 -0.07 16.57
C GLY A 31 -52.81 0.34 17.43
N TYR A 32 -51.74 0.81 16.81
CA TYR A 32 -50.64 1.31 17.61
C TYR A 32 -49.91 2.36 16.79
N LEU A 33 -49.32 3.33 17.50
CA LEU A 33 -48.42 4.29 16.90
C LEU A 33 -47.08 4.13 17.57
N ASN A 34 -46.03 4.13 16.76
CA ASN A 34 -44.68 3.97 17.23
C ASN A 34 -43.85 5.12 16.71
N TRP A 35 -42.80 5.46 17.44
CA TRP A 35 -41.95 6.59 17.07
C TRP A 35 -40.52 6.10 16.87
N TYR A 36 -39.89 6.57 15.81
CA TYR A 36 -38.51 6.23 15.52
C TYR A 36 -37.68 7.50 15.41
N GLN A 37 -36.40 7.37 15.74
CA GLN A 37 -35.42 8.43 15.55
C GLN A 37 -34.38 7.92 14.57
N GLN A 38 -34.08 8.71 13.55
CA GLN A 38 -33.11 8.31 12.54
C GLN A 38 -32.05 9.37 12.39
N LYS A 39 -30.83 8.98 12.53
CA LYS A 39 -29.68 9.80 12.25
C LYS A 39 -29.19 9.55 10.83
N PRO A 40 -28.64 10.57 10.19
CA PRO A 40 -28.28 10.46 8.77
C PRO A 40 -27.36 9.29 8.49
N GLY A 41 -27.72 8.50 7.47
CA GLY A 41 -26.93 7.36 7.05
C GLY A 41 -27.07 6.12 7.92
N LYS A 42 -27.92 6.14 8.94
CA LYS A 42 -28.08 5.02 9.84
C LYS A 42 -29.52 4.53 9.84
N ALA A 43 -29.71 3.29 10.27
CA ALA A 43 -31.05 2.74 10.40
C ALA A 43 -31.77 3.39 11.58
N PRO A 44 -33.09 3.58 11.46
CA PRO A 44 -33.84 4.23 12.55
C PRO A 44 -33.87 3.39 13.82
N LYS A 45 -34.08 4.09 14.93
CA LYS A 45 -34.08 3.55 16.27
C LYS A 45 -35.46 3.76 16.87
N LEU A 46 -36.00 2.74 17.53
CA LEU A 46 -37.33 2.87 18.10
C LEU A 46 -37.23 3.60 19.44
N LEU A 47 -37.92 4.74 19.55
CA LEU A 47 -37.95 5.50 20.78
C LEU A 47 -39.13 5.10 21.67
N ILE A 48 -40.34 5.13 21.12
CA ILE A 48 -41.57 4.87 21.86
C ILE A 48 -42.45 3.96 21.03
N TYR A 49 -43.06 2.98 21.70
CA TYR A 49 -44.09 2.14 21.10
C TYR A 49 -45.31 2.15 22.02
N ALA A 50 -46.45 1.75 21.44
CA ALA A 50 -47.75 1.81 22.12
C ALA A 50 -48.02 3.22 22.65
N THR A 51 -47.66 4.21 21.84
CA THR A 51 -47.94 5.62 22.05
C THR A 51 -47.11 6.28 23.14
N SER A 52 -46.97 5.62 24.30
CA SER A 52 -46.37 6.29 25.46
C SER A 52 -45.27 5.49 26.14
N THR A 53 -45.13 4.20 25.90
CA THR A 53 -44.12 3.41 26.58
C THR A 53 -42.80 3.60 25.86
N LEU A 54 -41.79 4.06 26.59
CA LEU A 54 -40.51 4.38 25.99
C LEU A 54 -39.72 3.10 25.75
N GLN A 55 -39.10 3.02 24.58
CA GLN A 55 -38.17 1.92 24.38
C GLN A 55 -37.04 2.05 25.39
N ARG A 56 -36.35 0.95 25.55
CA ARG A 56 -35.42 0.71 26.64
C ARG A 56 -34.05 1.27 26.31
N GLY A 57 -33.47 2.01 27.25
CA GLY A 57 -32.28 2.77 26.97
C GLY A 57 -32.54 4.18 26.51
N VAL A 58 -33.77 4.49 26.11
CA VAL A 58 -34.12 5.81 25.59
C VAL A 58 -34.12 6.81 26.74
N PRO A 59 -33.54 8.00 26.56
CA PRO A 59 -33.52 8.97 27.64
C PRO A 59 -34.93 9.34 28.07
N SER A 60 -35.06 9.66 29.36
CA SER A 60 -36.37 10.07 29.90
C SER A 60 -36.90 11.34 29.26
N ARG A 61 -36.06 12.07 28.52
CA ARG A 61 -36.50 13.34 27.94
C ARG A 61 -37.54 13.15 26.85
N PHE A 62 -37.62 11.96 26.25
CA PHE A 62 -38.61 11.68 25.23
C PHE A 62 -39.91 11.22 25.87
N SER A 63 -41.03 11.60 25.25
CA SER A 63 -42.35 11.26 25.76
C SER A 63 -43.33 11.17 24.61
N GLY A 64 -44.30 10.28 24.75
CA GLY A 64 -45.35 10.14 23.76
C GLY A 64 -46.73 10.23 24.38
N SER A 65 -47.65 10.88 23.67
CA SER A 65 -48.99 11.11 24.19
C SER A 65 -50.00 11.00 23.04
N GLY A 66 -51.26 10.91 23.40
CA GLY A 66 -52.33 11.00 22.43
C GLY A 66 -52.98 9.65 22.16
N SER A 67 -54.18 9.72 21.59
CA SER A 67 -54.90 8.52 21.17
C SER A 67 -55.96 8.94 20.15
N GLY A 68 -56.36 7.98 19.33
CA GLY A 68 -57.40 8.22 18.31
C GLY A 68 -56.81 8.82 17.03
N THR A 69 -57.08 10.09 16.79
CA THR A 69 -56.64 10.74 15.56
C THR A 69 -55.33 11.49 15.73
N ASP A 70 -55.04 11.97 16.94
CA ASP A 70 -53.90 12.83 17.20
C ASP A 70 -52.94 12.21 18.19
N PHE A 71 -51.64 12.32 17.88
CA PHE A 71 -50.59 11.81 18.73
C PHE A 71 -49.46 12.82 18.76
N THR A 72 -48.62 12.71 19.80
CA THR A 72 -47.60 13.71 20.06
C THR A 72 -46.32 13.03 20.50
N LEU A 73 -45.19 13.50 19.95
CA LEU A 73 -43.87 13.19 20.46
C LEU A 73 -43.28 14.47 21.06
N THR A 74 -42.74 14.37 22.26
CA THR A 74 -42.31 15.53 23.02
C THR A 74 -40.91 15.30 23.58
N ILE A 75 -40.06 16.30 23.44
CA ILE A 75 -38.70 16.26 23.96
C ILE A 75 -38.62 17.34 25.03
N SER A 76 -38.49 16.93 26.30
CA SER A 76 -38.50 17.88 27.41
C SER A 76 -37.42 18.94 27.24
N SER A 77 -36.17 18.51 27.12
CA SER A 77 -35.04 19.42 26.92
C SER A 77 -34.23 18.91 25.75
N LEU A 78 -34.06 19.75 24.73
CA LEU A 78 -33.27 19.37 23.57
C LEU A 78 -31.80 19.24 23.95
N GLN A 79 -31.16 18.20 23.42
CA GLN A 79 -29.72 18.03 23.50
C GLN A 79 -29.15 18.07 22.09
N PRO A 80 -27.86 18.41 21.94
CA PRO A 80 -27.25 18.34 20.61
C PRO A 80 -27.39 16.98 19.96
N GLU A 81 -27.38 15.91 20.78
CA GLU A 81 -27.52 14.55 20.29
C GLU A 81 -28.88 14.30 19.64
N ASP A 82 -29.89 15.10 19.99
CA ASP A 82 -31.24 14.90 19.49
C ASP A 82 -31.41 15.26 18.02
N PHE A 83 -30.39 15.85 17.38
CA PHE A 83 -30.50 16.15 15.95
C PHE A 83 -30.75 14.87 15.17
N ALA A 84 -31.92 14.79 14.54
CA ALA A 84 -32.30 13.60 13.79
C ALA A 84 -33.57 13.91 13.02
N ILE A 85 -34.04 12.91 12.28
CA ILE A 85 -35.36 12.91 11.65
C ILE A 85 -36.21 11.94 12.44
N TYR A 86 -37.42 12.36 12.80
CA TYR A 86 -38.30 11.55 13.63
C TYR A 86 -39.51 11.11 12.81
N TYR A 87 -39.83 9.84 12.88
CA TYR A 87 -40.91 9.23 12.12
C TYR A 87 -41.92 8.60 13.07
N CYS A 88 -43.20 8.88 12.85
CA CYS A 88 -44.23 8.06 13.46
C CYS A 88 -44.49 6.87 12.55
N GLN A 89 -44.92 5.76 13.16
CA GLN A 89 -45.18 4.54 12.41
C GLN A 89 -46.43 3.88 12.94
N GLN A 90 -47.34 3.54 12.03
CA GLN A 90 -48.60 2.92 12.36
C GLN A 90 -48.62 1.45 11.96
N SER A 91 -49.30 0.65 12.77
CA SER A 91 -49.59 -0.73 12.41
C SER A 91 -50.68 -1.26 13.34
N TYR A 92 -51.25 -2.39 12.95
CA TYR A 92 -52.21 -3.10 13.79
C TYR A 92 -51.53 -4.36 14.35
N SER A 93 -52.33 -5.36 14.73
CA SER A 93 -51.75 -6.61 15.21
C SER A 93 -51.06 -7.39 14.10
N THR A 94 -51.17 -6.92 12.86
CA THR A 94 -50.62 -7.54 11.67
C THR A 94 -50.30 -6.44 10.68
N PRO A 95 -49.40 -6.69 9.72
CA PRO A 95 -49.18 -5.71 8.65
C PRO A 95 -50.47 -5.38 7.93
N PRO A 96 -50.52 -4.27 7.15
CA PRO A 96 -49.43 -3.39 6.73
C PRO A 96 -48.96 -2.37 7.76
N TYR A 97 -47.82 -1.75 7.48
CA TYR A 97 -47.31 -0.63 8.26
C TYR A 97 -47.46 0.66 7.46
N THR A 98 -47.44 1.77 8.18
CA THR A 98 -47.46 3.09 7.55
C THR A 98 -46.54 4.02 8.33
N PHE A 99 -45.83 4.87 7.60
CA PHE A 99 -44.92 5.84 8.17
C PHE A 99 -45.42 7.25 7.90
N GLY A 100 -45.01 8.18 8.76
CA GLY A 100 -45.18 9.58 8.45
C GLY A 100 -44.07 10.08 7.54
N GLN A 101 -44.31 11.25 6.93
CA GLN A 101 -43.29 11.85 6.06
C GLN A 101 -42.01 12.16 6.83
N GLY A 102 -42.13 12.43 8.13
CA GLY A 102 -40.94 12.64 8.93
C GLY A 102 -40.78 14.09 9.33
N THR A 103 -40.13 14.29 10.48
CA THR A 103 -39.83 15.63 11.01
C THR A 103 -38.34 15.72 11.27
N LYS A 104 -37.69 16.69 10.62
CA LYS A 104 -36.26 16.93 10.82
C LYS A 104 -36.09 17.98 11.91
N VAL A 105 -35.36 17.64 12.96
CA VAL A 105 -35.13 18.53 14.08
C VAL A 105 -33.71 19.05 13.98
N GLU A 106 -33.56 20.34 13.70
CA GLU A 106 -32.27 21.01 13.71
C GLU A 106 -32.11 21.80 15.01
N ILE A 107 -30.87 22.17 15.31
CA ILE A 107 -30.53 22.79 16.59
C ILE A 107 -30.08 24.22 16.36
N LYS A 108 -30.60 25.13 17.17
CA LYS A 108 -30.15 26.52 17.21
C LYS A 108 -29.05 26.65 18.26
N ARG A 109 -27.98 27.36 17.92
CA ARG A 109 -26.85 27.48 18.83
C ARG A 109 -26.13 28.80 18.58
N THR A 110 -25.05 28.99 19.33
CA THR A 110 -24.24 30.20 19.23
C THR A 110 -23.57 30.29 17.86
N VAL A 111 -23.41 31.51 17.37
CA VAL A 111 -22.71 31.72 16.11
C VAL A 111 -21.28 31.23 16.23
N ALA A 112 -20.84 30.46 15.24
CA ALA A 112 -19.48 29.91 15.21
C ALA A 112 -18.87 30.19 13.86
N ALA A 113 -17.74 30.88 13.85
CA ALA A 113 -17.04 31.19 12.63
C ALA A 113 -16.30 29.95 12.12
N PRO A 114 -16.19 29.79 10.81
CA PRO A 114 -15.49 28.62 10.26
C PRO A 114 -13.99 28.78 10.32
N SER A 115 -13.30 27.66 10.46
CA SER A 115 -11.88 27.57 10.15
C SER A 115 -11.76 27.22 8.68
N VAL A 116 -10.88 27.92 7.97
CA VAL A 116 -10.75 27.77 6.53
C VAL A 116 -9.38 27.18 6.21
N PHE A 117 -9.38 26.17 5.34
CA PHE A 117 -8.17 25.53 4.84
C PHE A 117 -8.28 25.40 3.33
N ILE A 118 -7.14 25.47 2.65
CA ILE A 118 -7.09 25.32 1.20
C ILE A 118 -6.09 24.24 0.85
N PHE A 119 -6.48 23.37 -0.08
CA PHE A 119 -5.60 22.29 -0.53
C PHE A 119 -5.38 22.45 -2.03
N PRO A 120 -4.14 22.66 -2.48
CA PRO A 120 -3.86 22.59 -3.91
C PRO A 120 -4.07 21.17 -4.41
N PRO A 121 -4.22 20.97 -5.71
CA PRO A 121 -4.31 19.60 -6.22
C PRO A 121 -3.05 18.83 -5.88
N SER A 122 -3.22 17.57 -5.50
CA SER A 122 -2.08 16.72 -5.24
C SER A 122 -1.28 16.52 -6.53
N ASP A 123 -0.03 16.10 -6.37
CA ASP A 123 0.76 15.75 -7.56
C ASP A 123 0.20 14.50 -8.21
N GLU A 124 -0.28 13.55 -7.39
CA GLU A 124 -0.90 12.33 -7.91
C GLU A 124 -2.08 12.65 -8.82
N GLN A 125 -2.87 13.68 -8.48
CA GLN A 125 -4.02 14.01 -9.32
C GLN A 125 -3.57 14.68 -10.60
N LEU A 126 -2.63 15.62 -10.51
CA LEU A 126 -2.16 16.31 -11.71
C LEU A 126 -1.56 15.36 -12.73
N LYS A 127 -1.14 14.17 -12.32
CA LYS A 127 -0.67 13.16 -13.26
C LYS A 127 -1.80 12.45 -13.99
N SER A 128 -3.03 12.51 -13.46
CA SER A 128 -4.19 11.98 -14.16
C SER A 128 -4.81 12.97 -15.13
N GLY A 129 -4.33 14.21 -15.15
CA GLY A 129 -4.85 15.23 -16.04
C GLY A 129 -5.88 16.16 -15.46
N THR A 130 -6.19 16.05 -14.17
CA THR A 130 -7.21 16.88 -13.54
C THR A 130 -6.62 17.59 -12.33
N ALA A 131 -7.15 18.78 -12.05
CA ALA A 131 -6.73 19.57 -10.90
C ALA A 131 -7.97 20.02 -10.16
N SER A 132 -8.16 19.50 -8.95
CA SER A 132 -9.24 19.91 -8.07
C SER A 132 -8.63 20.67 -6.91
N VAL A 133 -9.06 21.93 -6.73
CA VAL A 133 -8.66 22.73 -5.58
C VAL A 133 -9.80 22.69 -4.57
N VAL A 134 -9.46 22.35 -3.34
CA VAL A 134 -10.45 22.11 -2.30
C VAL A 134 -10.27 23.15 -1.20
N CYS A 135 -11.36 23.81 -0.85
CA CYS A 135 -11.42 24.74 0.28
C CYS A 135 -12.34 24.15 1.34
N LEU A 136 -11.84 24.04 2.57
CA LEU A 136 -12.57 23.40 3.65
C LEU A 136 -12.96 24.42 4.71
N LEU A 137 -14.24 24.42 5.07
CA LEU A 137 -14.80 25.24 6.14
C LEU A 137 -15.20 24.30 7.27
N ASN A 138 -14.57 24.45 8.43
CA ASN A 138 -14.74 23.50 9.52
C ASN A 138 -15.61 24.08 10.62
N ASN A 139 -16.57 23.26 11.07
CA ASN A 139 -17.33 23.47 12.30
C ASN A 139 -17.79 24.93 12.46
N PHE A 140 -18.72 25.35 11.62
CA PHE A 140 -19.25 26.71 11.64
C PHE A 140 -20.77 26.65 11.84
N TYR A 141 -21.33 27.82 12.17
CA TYR A 141 -22.76 27.97 12.38
C TYR A 141 -23.11 29.45 12.30
N PRO A 142 -24.22 29.83 11.64
CA PRO A 142 -25.21 28.95 11.00
C PRO A 142 -24.74 28.37 9.67
N ARG A 143 -25.59 27.54 9.06
CA ARG A 143 -25.22 26.82 7.84
C ARG A 143 -24.99 27.75 6.67
N GLU A 144 -25.54 28.96 6.70
CA GLU A 144 -25.47 29.84 5.55
C GLU A 144 -24.06 30.40 5.42
N ALA A 145 -23.38 30.07 4.32
CA ALA A 145 -22.03 30.56 4.09
C ALA A 145 -21.80 30.72 2.60
N LYS A 146 -20.93 31.67 2.25
CA LYS A 146 -20.63 32.00 0.87
C LYS A 146 -19.14 31.81 0.62
N VAL A 147 -18.80 31.02 -0.39
CA VAL A 147 -17.42 30.73 -0.76
C VAL A 147 -17.20 31.19 -2.19
N GLN A 148 -16.17 32.00 -2.40
CA GLN A 148 -15.85 32.57 -3.70
C GLN A 148 -14.46 32.13 -4.12
N TRP A 149 -14.34 31.64 -5.35
CA TRP A 149 -13.05 31.23 -5.91
C TRP A 149 -12.58 32.31 -6.88
N LYS A 150 -11.36 32.78 -6.68
CA LYS A 150 -10.72 33.72 -7.59
C LYS A 150 -9.42 33.10 -8.06
N VAL A 151 -9.22 33.05 -9.37
CA VAL A 151 -8.02 32.45 -9.96
C VAL A 151 -7.26 33.54 -10.68
N ASP A 152 -6.03 33.78 -10.25
CA ASP A 152 -5.27 34.93 -10.72
C ASP A 152 -6.10 36.19 -10.62
N ASN A 153 -6.78 36.34 -9.47
CA ASN A 153 -7.39 37.57 -9.00
C ASN A 153 -8.73 37.72 -9.72
N ALA A 154 -9.10 36.79 -10.60
CA ALA A 154 -10.34 36.83 -11.37
C ALA A 154 -11.39 35.89 -10.76
N LEU A 155 -12.53 36.44 -10.38
CA LEU A 155 -13.61 35.62 -9.82
C LEU A 155 -14.15 34.60 -10.82
N GLN A 156 -14.28 33.35 -10.38
CA GLN A 156 -14.77 32.27 -11.22
C GLN A 156 -16.26 32.03 -11.01
N SER A 157 -16.87 31.32 -11.96
CA SER A 157 -18.26 30.93 -11.83
C SER A 157 -18.49 29.63 -12.60
N GLY A 158 -19.32 28.75 -12.04
CA GLY A 158 -19.76 27.55 -12.72
C GLY A 158 -18.82 26.37 -12.66
N ASN A 159 -17.58 26.54 -12.20
CA ASN A 159 -16.61 25.46 -12.15
C ASN A 159 -16.30 25.02 -10.72
N SER A 160 -17.19 25.32 -9.78
CA SER A 160 -17.02 24.89 -8.40
C SER A 160 -18.33 24.29 -7.90
N GLN A 161 -18.19 23.29 -7.03
CA GLN A 161 -19.32 22.64 -6.38
C GLN A 161 -19.02 22.51 -4.89
N GLU A 162 -20.07 22.56 -4.09
CA GLU A 162 -19.91 22.45 -2.64
C GLU A 162 -20.93 21.46 -2.06
N SER A 163 -20.54 20.86 -0.94
CA SER A 163 -21.40 19.94 -0.21
C SER A 163 -21.19 20.15 1.27
N VAL A 164 -22.24 19.93 2.04
CA VAL A 164 -22.25 20.25 3.46
C VAL A 164 -22.62 19.00 4.24
N THR A 165 -21.99 18.81 5.39
CA THR A 165 -22.34 17.70 6.27
C THR A 165 -23.65 17.99 6.96
N GLU A 166 -24.26 16.93 7.51
CA GLU A 166 -25.39 17.13 8.39
C GLU A 166 -24.94 17.86 9.65
N GLN A 167 -25.91 18.38 10.40
CA GLN A 167 -25.59 19.07 11.64
C GLN A 167 -24.86 18.13 12.58
N ASP A 168 -23.73 18.60 13.11
CA ASP A 168 -22.93 17.78 14.00
C ASP A 168 -23.71 17.45 15.27
N SER A 169 -23.49 16.24 15.79
CA SER A 169 -24.29 15.75 16.90
C SER A 169 -23.73 16.13 18.27
N LYS A 170 -22.44 16.48 18.37
CA LYS A 170 -21.92 16.89 19.66
C LYS A 170 -21.89 18.40 19.83
N ASP A 171 -21.51 19.15 18.79
CA ASP A 171 -21.40 20.60 18.89
C ASP A 171 -22.35 21.38 17.98
N SER A 172 -23.25 20.70 17.26
CA SER A 172 -24.33 21.32 16.50
C SER A 172 -23.85 22.25 15.38
N THR A 173 -22.65 22.02 14.85
CA THR A 173 -22.13 22.84 13.76
C THR A 173 -22.20 22.10 12.43
N TYR A 174 -21.85 22.82 11.38
CA TYR A 174 -21.77 22.30 10.04
C TYR A 174 -20.35 22.43 9.52
N SER A 175 -20.01 21.62 8.52
CA SER A 175 -18.76 21.76 7.78
C SER A 175 -19.06 21.69 6.29
N LEU A 176 -18.21 22.35 5.51
CA LEU A 176 -18.46 22.56 4.10
C LEU A 176 -17.18 22.36 3.31
N SER A 177 -17.31 21.70 2.17
CA SER A 177 -16.21 21.57 1.21
C SER A 177 -16.60 22.32 -0.06
N SER A 178 -15.69 23.15 -0.56
CA SER A 178 -15.86 23.82 -1.85
C SER A 178 -14.76 23.34 -2.78
N THR A 179 -15.14 22.75 -3.91
CA THR A 179 -14.18 22.12 -4.82
C THR A 179 -14.25 22.83 -6.17
N LEU A 180 -13.12 23.41 -6.58
CA LEU A 180 -12.98 24.06 -7.87
C LEU A 180 -12.37 23.05 -8.84
N THR A 181 -13.09 22.73 -9.91
CA THR A 181 -12.65 21.70 -10.84
C THR A 181 -12.01 22.35 -12.06
N LEU A 182 -10.79 21.91 -12.36
CA LEU A 182 -10.02 22.48 -13.47
C LEU A 182 -9.36 21.34 -14.23
N SER A 183 -8.99 21.62 -15.47
CA SER A 183 -8.13 20.71 -16.22
C SER A 183 -6.67 21.03 -15.93
N LYS A 184 -5.81 20.02 -16.07
CA LYS A 184 -4.39 20.20 -15.77
C LYS A 184 -3.78 21.31 -16.61
N ALA A 185 -4.16 21.40 -17.89
CA ALA A 185 -3.65 22.46 -18.74
C ALA A 185 -4.01 23.85 -18.20
N ASP A 186 -5.23 24.01 -17.69
CA ASP A 186 -5.65 25.32 -17.20
C ASP A 186 -5.13 25.63 -15.80
N TYR A 187 -4.87 24.59 -15.00
CA TYR A 187 -4.29 24.83 -13.69
C TYR A 187 -2.86 25.33 -13.81
N GLU A 188 -2.09 24.77 -14.75
CA GLU A 188 -0.74 25.25 -15.00
C GLU A 188 -0.73 26.57 -15.78
N LYS A 189 -1.90 27.15 -16.05
CA LYS A 189 -2.03 28.40 -16.77
C LYS A 189 -1.96 29.60 -15.83
N HIS A 190 -2.29 29.42 -14.56
CA HIS A 190 -2.36 30.49 -13.58
C HIS A 190 -1.42 30.24 -12.41
N LYS A 191 -1.28 31.27 -11.58
CA LYS A 191 -0.40 31.22 -10.42
C LYS A 191 -1.16 31.26 -9.09
N VAL A 192 -2.02 32.25 -8.89
CA VAL A 192 -2.67 32.48 -7.60
C VAL A 192 -4.07 31.87 -7.61
N TYR A 193 -4.32 31.01 -6.62
CA TYR A 193 -5.64 30.43 -6.38
C TYR A 193 -6.07 30.81 -4.97
N ALA A 194 -7.24 31.44 -4.85
CA ALA A 194 -7.70 31.99 -3.60
C ALA A 194 -9.12 31.54 -3.31
N CYS A 195 -9.38 31.22 -2.05
CA CYS A 195 -10.71 30.88 -1.55
C CYS A 195 -11.17 31.99 -0.61
N GLU A 196 -12.30 32.62 -0.91
CA GLU A 196 -12.86 33.70 -0.11
C GLU A 196 -14.15 33.24 0.56
N VAL A 197 -14.20 33.32 1.88
CA VAL A 197 -15.30 32.79 2.67
C VAL A 197 -16.03 33.93 3.36
N THR A 198 -17.33 34.00 3.16
CA THR A 198 -18.20 34.98 3.82
C THR A 198 -19.16 34.24 4.75
N HIS A 199 -19.24 34.70 6.00
CA HIS A 199 -20.09 34.06 6.98
C HIS A 199 -20.42 35.06 8.08
N GLN A 200 -21.55 34.84 8.73
CA GLN A 200 -22.05 35.78 9.74
C GLN A 200 -21.06 35.95 10.89
N GLY A 201 -20.39 34.86 11.28
CA GLY A 201 -19.41 34.92 12.36
C GLY A 201 -18.11 35.61 12.01
N LEU A 202 -17.94 36.06 10.76
CA LEU A 202 -16.71 36.70 10.29
C LEU A 202 -16.92 38.20 10.14
N SER A 203 -16.15 38.98 10.90
CA SER A 203 -16.08 40.42 10.72
C SER A 203 -15.94 40.78 9.24
N SER A 204 -14.95 40.22 8.59
CA SER A 204 -14.67 40.41 7.17
C SER A 204 -14.56 39.06 6.48
N PRO A 205 -14.82 39.00 5.17
CA PRO A 205 -14.52 37.78 4.42
C PRO A 205 -13.05 37.40 4.55
N VAL A 206 -12.82 36.12 4.81
CA VAL A 206 -11.47 35.58 5.00
C VAL A 206 -11.02 34.91 3.72
N THR A 207 -9.77 35.16 3.34
CA THR A 207 -9.19 34.58 2.13
C THR A 207 -8.03 33.67 2.50
N LYS A 208 -8.05 32.46 1.97
CA LYS A 208 -6.89 31.57 1.99
C LYS A 208 -6.43 31.39 0.54
N SER A 209 -5.12 31.48 0.31
CA SER A 209 -4.59 31.46 -1.04
C SER A 209 -3.26 30.71 -1.04
N PHE A 210 -2.84 30.31 -2.24
CA PHE A 210 -1.53 29.73 -2.44
C PHE A 210 -1.05 30.06 -3.85
N ASN A 211 0.27 30.18 -4.01
CA ASN A 211 0.87 30.32 -5.33
C ASN A 211 1.25 28.94 -5.83
N ARG A 212 0.88 28.64 -7.07
CA ARG A 212 1.12 27.31 -7.61
C ARG A 212 2.61 27.06 -7.70
N GLY A 213 3.06 25.96 -7.10
CA GLY A 213 4.46 25.62 -7.15
C GLY A 213 5.32 26.29 -6.09
N GLU A 214 4.71 26.80 -5.03
CA GLU A 214 5.43 27.34 -3.89
C GLU A 214 4.93 26.64 -2.64
N CYS A 215 5.84 26.34 -1.72
CA CYS A 215 5.54 25.41 -0.64
C CYS A 215 6.43 25.59 0.59
N GLN B 1 -30.36 -10.11 20.39
CA GLN B 1 -29.51 -9.37 19.58
C GLN B 1 -29.59 -9.82 18.15
N VAL B 2 -30.78 -10.00 17.58
CA VAL B 2 -30.90 -10.48 16.21
C VAL B 2 -30.17 -9.51 15.31
N GLN B 3 -29.46 -10.03 14.34
CA GLN B 3 -28.72 -9.20 13.39
C GLN B 3 -29.08 -9.54 11.96
N LEU B 4 -29.28 -8.49 11.15
CA LEU B 4 -29.68 -8.63 9.75
C LEU B 4 -28.70 -7.87 8.86
N GLN B 5 -28.40 -8.46 7.70
CA GLN B 5 -27.51 -7.85 6.72
C GLN B 5 -28.01 -8.15 5.32
N GLU B 6 -28.13 -7.13 4.50
CA GLU B 6 -28.60 -7.28 3.13
C GLU B 6 -27.43 -7.28 2.17
N SER B 7 -27.56 -8.07 1.11
CA SER B 7 -26.60 -8.15 0.02
C SER B 7 -27.35 -7.88 -1.27
N GLY B 8 -26.89 -6.91 -2.04
CA GLY B 8 -27.59 -6.52 -3.24
C GLY B 8 -26.66 -6.10 -4.34
N PRO B 9 -27.17 -6.08 -5.57
CA PRO B 9 -26.34 -5.63 -6.70
C PRO B 9 -25.96 -4.17 -6.62
N GLY B 10 -26.72 -3.35 -5.91
CA GLY B 10 -26.46 -1.90 -5.86
C GLY B 10 -26.89 -1.17 -7.10
N LEU B 11 -26.45 -1.62 -8.27
CA LEU B 11 -26.83 -1.05 -9.55
C LEU B 11 -27.76 -2.01 -10.27
N VAL B 12 -28.93 -1.50 -10.68
CA VAL B 12 -29.89 -2.28 -11.46
C VAL B 12 -30.33 -1.44 -12.66
N LYS B 13 -30.25 -2.02 -13.84
CA LYS B 13 -30.67 -1.32 -15.04
C LYS B 13 -32.18 -1.11 -15.03
N PRO B 14 -32.67 0.02 -15.55
CA PRO B 14 -34.12 0.26 -15.54
C PRO B 14 -34.88 -0.80 -16.33
N SER B 15 -36.13 -1.02 -15.91
CA SER B 15 -37.04 -2.05 -16.42
C SER B 15 -36.68 -3.43 -15.88
N GLU B 16 -35.44 -3.61 -15.42
CA GLU B 16 -34.99 -4.89 -14.90
C GLU B 16 -35.53 -5.11 -13.47
N THR B 17 -35.24 -6.29 -12.92
CA THR B 17 -35.73 -6.68 -11.61
C THR B 17 -34.62 -6.58 -10.57
N LEU B 18 -34.93 -5.96 -9.42
CA LEU B 18 -34.03 -5.91 -8.29
C LEU B 18 -34.20 -7.15 -7.41
N SER B 19 -33.08 -7.78 -7.06
CA SER B 19 -33.08 -8.96 -6.20
C SER B 19 -32.17 -8.68 -5.00
N LEU B 20 -32.78 -8.57 -3.82
CA LEU B 20 -32.05 -8.38 -2.57
C LEU B 20 -32.23 -9.61 -1.68
N THR B 21 -31.22 -9.85 -0.84
CA THR B 21 -31.26 -10.93 0.13
C THR B 21 -30.84 -10.39 1.49
N CYS B 22 -31.58 -10.76 2.53
CA CYS B 22 -31.26 -10.38 3.91
C CYS B 22 -30.84 -11.64 4.66
N THR B 23 -29.65 -11.61 5.25
CA THR B 23 -29.14 -12.71 6.05
C THR B 23 -29.35 -12.41 7.53
N VAL B 24 -29.94 -13.36 8.24
CA VAL B 24 -30.36 -13.17 9.62
C VAL B 24 -29.46 -13.99 10.53
N SER B 25 -29.13 -13.44 11.70
CA SER B 25 -28.29 -14.10 12.68
C SER B 25 -28.87 -13.91 14.08
N GLY B 26 -28.64 -14.90 14.93
CA GLY B 26 -29.11 -14.90 16.31
C GLY B 26 -30.48 -15.51 16.52
N ASP B 27 -31.36 -15.42 15.53
CA ASP B 27 -32.66 -16.06 15.58
C ASP B 27 -32.95 -16.68 14.21
N SER B 28 -33.89 -17.61 14.19
CA SER B 28 -34.24 -18.32 12.98
C SER B 28 -35.43 -17.65 12.30
N VAL B 29 -35.39 -17.59 10.97
CA VAL B 29 -36.52 -17.06 10.22
C VAL B 29 -37.76 -17.93 10.40
N SER B 30 -37.57 -19.20 10.78
CA SER B 30 -38.71 -20.08 11.02
C SER B 30 -39.51 -19.69 12.26
N SER B 31 -38.97 -18.84 13.12
CA SER B 31 -39.63 -18.57 14.39
C SER B 31 -40.97 -17.87 14.14
N THR B 32 -41.96 -18.22 14.96
CA THR B 32 -43.28 -17.63 14.88
C THR B 32 -43.33 -16.24 15.47
N ASN B 33 -42.21 -15.74 15.98
CA ASN B 33 -42.19 -14.48 16.72
C ASN B 33 -42.06 -13.26 15.81
N TYR B 34 -41.60 -13.43 14.58
CA TYR B 34 -41.13 -12.29 13.79
C TYR B 34 -41.87 -12.17 12.47
N TYR B 35 -41.96 -10.93 11.99
CA TYR B 35 -42.32 -10.61 10.60
C TYR B 35 -41.06 -10.07 9.94
N TRP B 36 -40.71 -10.63 8.79
CA TRP B 36 -39.50 -10.24 8.08
C TRP B 36 -39.90 -9.35 6.91
N GLY B 37 -39.44 -8.09 6.95
CA GLY B 37 -39.92 -7.09 6.02
C GLY B 37 -38.78 -6.31 5.40
N TRP B 38 -39.15 -5.48 4.42
CA TRP B 38 -38.24 -4.61 3.72
C TRP B 38 -38.78 -3.19 3.76
N ILE B 39 -37.91 -2.23 4.04
CA ILE B 39 -38.24 -0.82 4.03
C ILE B 39 -37.22 -0.08 3.19
N ARG B 40 -37.68 0.82 2.32
CA ARG B 40 -36.80 1.61 1.48
C ARG B 40 -36.93 3.10 1.81
N GLN B 41 -35.87 3.84 1.51
CA GLN B 41 -35.84 5.28 1.77
C GLN B 41 -35.15 6.00 0.62
N PRO B 42 -35.91 6.69 -0.22
CA PRO B 42 -35.29 7.45 -1.31
C PRO B 42 -34.40 8.52 -0.79
N PRO B 43 -33.37 8.96 -1.56
CA PRO B 43 -32.24 9.74 -1.02
C PRO B 43 -32.57 10.74 0.07
N GLY B 44 -33.29 11.80 -0.25
CA GLY B 44 -33.63 12.82 0.73
C GLY B 44 -34.97 12.64 1.41
N LYS B 45 -35.61 11.48 1.24
CA LYS B 45 -37.01 11.29 1.60
C LYS B 45 -37.17 10.42 2.85
N GLY B 46 -38.42 10.09 3.15
CA GLY B 46 -38.75 9.30 4.31
C GLY B 46 -38.87 7.81 4.00
N LEU B 47 -39.31 7.07 5.02
CA LEU B 47 -39.33 5.61 4.96
C LEU B 47 -40.63 5.11 4.35
N GLU B 48 -40.51 4.11 3.47
CA GLU B 48 -41.65 3.45 2.86
C GLU B 48 -41.54 1.95 3.06
N TRP B 49 -42.54 1.36 3.73
CA TRP B 49 -42.60 -0.08 3.91
C TRP B 49 -42.98 -0.78 2.61
N ILE B 50 -42.17 -1.77 2.21
CA ILE B 50 -42.39 -2.49 0.96
C ILE B 50 -43.28 -3.72 1.18
N GLY B 51 -42.88 -4.59 2.09
CA GLY B 51 -43.61 -5.83 2.31
C GLY B 51 -42.96 -6.66 3.41
N SER B 52 -43.77 -7.57 3.96
CA SER B 52 -43.34 -8.42 5.06
C SER B 52 -43.81 -9.84 4.81
N ILE B 53 -43.18 -10.79 5.49
CA ILE B 53 -43.49 -12.21 5.32
C ILE B 53 -43.42 -12.92 6.66
N TYR B 54 -44.39 -13.80 6.92
CA TYR B 54 -44.42 -14.70 8.07
C TYR B 54 -43.89 -16.07 7.64
N TYR B 55 -43.65 -16.94 8.63
CA TYR B 55 -43.00 -18.22 8.31
C TYR B 55 -43.89 -19.17 7.52
N ARG B 56 -45.20 -19.19 7.78
CA ARG B 56 -46.07 -20.06 6.99
C ARG B 56 -46.04 -19.73 5.50
N GLY B 57 -45.34 -18.67 5.11
CA GLY B 57 -45.43 -18.13 3.77
C GLY B 57 -46.46 -17.03 3.61
N ILE B 58 -46.77 -16.32 4.68
CA ILE B 58 -47.91 -15.40 4.68
C ILE B 58 -47.31 -14.05 4.32
N THR B 59 -47.72 -13.50 3.17
CA THR B 59 -47.08 -12.33 2.58
C THR B 59 -47.99 -11.12 2.65
N TYR B 60 -47.50 -10.05 3.27
CA TYR B 60 -48.12 -8.73 3.26
C TYR B 60 -47.34 -7.78 2.34
N ASN B 61 -48.07 -6.93 1.61
CA ASN B 61 -47.45 -6.01 0.66
C ASN B 61 -48.00 -4.59 0.81
N SER B 62 -47.23 -3.63 0.28
CA SER B 62 -47.68 -2.25 0.19
C SER B 62 -48.74 -2.12 -0.90
N PRO B 63 -49.78 -1.32 -0.67
CA PRO B 63 -50.78 -1.12 -1.76
C PRO B 63 -50.18 -0.44 -2.98
N SER B 64 -49.11 0.34 -2.81
CA SER B 64 -48.46 1.01 -3.94
C SER B 64 -47.56 0.10 -4.75
N LEU B 65 -47.23 -1.10 -4.25
CA LEU B 65 -46.21 -1.91 -4.89
C LEU B 65 -46.67 -3.31 -5.25
N MET B 66 -47.61 -3.89 -4.47
CA MET B 66 -48.21 -5.22 -4.66
C MET B 66 -47.96 -5.85 -6.02
N ASN B 67 -48.26 -5.10 -7.08
CA ASN B 67 -47.93 -5.49 -8.44
C ASN B 67 -46.51 -6.06 -8.60
N ARG B 68 -45.51 -5.38 -8.04
CA ARG B 68 -44.13 -5.66 -8.40
C ARG B 68 -43.29 -6.34 -7.33
N VAL B 69 -43.83 -6.53 -6.12
CA VAL B 69 -43.06 -7.06 -5.00
C VAL B 69 -43.28 -8.56 -4.86
N THR B 70 -42.19 -9.29 -4.63
CA THR B 70 -42.25 -10.72 -4.35
C THR B 70 -41.24 -11.02 -3.26
N ILE B 71 -41.71 -11.50 -2.12
CA ILE B 71 -40.87 -11.78 -0.96
C ILE B 71 -40.90 -13.27 -0.66
N SER B 72 -39.72 -13.86 -0.44
CA SER B 72 -39.60 -15.28 -0.14
C SER B 72 -38.59 -15.46 0.98
N LEU B 73 -38.67 -16.62 1.65
CA LEU B 73 -37.80 -16.96 2.77
C LEU B 73 -37.15 -18.31 2.51
N ASP B 74 -35.90 -18.45 2.93
CA ASP B 74 -35.17 -19.70 2.78
C ASP B 74 -34.67 -20.12 4.16
N THR B 75 -35.31 -21.13 4.72
CA THR B 75 -35.00 -21.57 6.08
C THR B 75 -33.65 -22.28 6.15
N ALA B 76 -33.32 -23.07 5.12
CA ALA B 76 -32.03 -23.75 5.10
C ALA B 76 -30.87 -22.76 5.26
N LYS B 77 -30.95 -21.62 4.55
CA LYS B 77 -29.93 -20.59 4.62
C LYS B 77 -30.21 -19.53 5.68
N ASN B 78 -31.39 -19.55 6.30
CA ASN B 78 -31.83 -18.51 7.24
C ASN B 78 -31.76 -17.13 6.62
N GLN B 79 -32.19 -17.02 5.36
CA GLN B 79 -32.28 -15.75 4.66
C GLN B 79 -33.71 -15.52 4.22
N PHE B 80 -34.02 -14.26 3.90
CA PHE B 80 -35.22 -13.95 3.15
C PHE B 80 -34.87 -12.90 2.11
N SER B 81 -35.65 -12.87 1.03
CA SER B 81 -35.26 -12.16 -0.17
C SER B 81 -36.33 -11.14 -0.57
N LEU B 82 -35.91 -10.22 -1.45
CA LEU B 82 -36.80 -9.22 -2.03
C LEU B 82 -36.68 -9.28 -3.54
N ASN B 83 -37.82 -9.22 -4.22
CA ASN B 83 -37.89 -9.21 -5.67
C ASN B 83 -38.77 -8.05 -6.09
N LEU B 84 -38.18 -7.03 -6.71
CA LEU B 84 -38.89 -5.88 -7.24
C LEU B 84 -38.75 -5.88 -8.75
N SER B 85 -39.86 -6.00 -9.46
CA SER B 85 -39.83 -6.07 -10.92
C SER B 85 -40.02 -4.69 -11.53
N SER B 86 -39.56 -4.55 -12.78
CA SER B 86 -39.73 -3.33 -13.58
C SER B 86 -39.25 -2.09 -12.82
N MET B 87 -37.95 -2.06 -12.57
CA MET B 87 -37.38 -0.99 -11.76
C MET B 87 -37.45 0.34 -12.51
N THR B 88 -37.87 1.37 -11.78
CA THR B 88 -38.03 2.73 -12.28
C THR B 88 -37.06 3.63 -11.53
N ALA B 89 -36.75 4.80 -12.13
CA ALA B 89 -35.96 5.80 -11.44
C ALA B 89 -36.55 6.16 -10.09
N ALA B 90 -37.88 6.12 -9.96
CA ALA B 90 -38.52 6.36 -8.67
C ALA B 90 -38.13 5.32 -7.63
N ASP B 91 -37.70 4.13 -8.05
CA ASP B 91 -37.35 3.07 -7.12
C ASP B 91 -35.95 3.23 -6.52
N THR B 92 -35.15 4.17 -7.00
CA THR B 92 -33.83 4.39 -6.43
C THR B 92 -33.94 4.82 -4.97
N ALA B 93 -33.32 4.05 -4.08
CA ALA B 93 -33.47 4.26 -2.64
C ALA B 93 -32.50 3.36 -1.90
N VAL B 94 -32.36 3.62 -0.60
CA VAL B 94 -31.69 2.71 0.31
C VAL B 94 -32.73 1.72 0.83
N TYR B 95 -32.42 0.42 0.69
CA TYR B 95 -33.35 -0.64 1.04
C TYR B 95 -32.91 -1.31 2.33
N PHE B 96 -33.74 -1.25 3.36
CA PHE B 96 -33.50 -1.91 4.62
C PHE B 96 -34.28 -3.21 4.70
N CYS B 97 -33.64 -4.24 5.23
CA CYS B 97 -34.37 -5.39 5.73
C CYS B 97 -34.46 -5.27 7.25
N ALA B 98 -35.63 -5.62 7.78
CA ALA B 98 -35.86 -5.54 9.22
C ALA B 98 -36.78 -6.67 9.63
N ASN B 99 -36.80 -6.97 10.92
CA ASN B 99 -37.80 -7.88 11.48
C ASN B 99 -38.72 -7.10 12.42
N SER B 100 -39.82 -7.76 12.80
CA SER B 100 -40.84 -7.14 13.64
C SER B 100 -41.49 -8.24 14.49
N ILE B 101 -41.70 -7.95 15.77
CA ILE B 101 -42.24 -8.96 16.72
C ILE B 101 -43.72 -9.20 16.44
N ALA B 102 -44.12 -10.46 16.26
CA ALA B 102 -45.50 -10.80 15.87
C ALA B 102 -46.36 -11.16 17.07
N VAL B 103 -45.84 -11.99 17.98
CA VAL B 103 -46.65 -12.47 19.12
C VAL B 103 -46.39 -11.62 20.35
N SER B 104 -45.15 -11.65 20.84
CA SER B 104 -44.79 -10.93 22.10
C SER B 104 -44.85 -9.42 21.90
N GLY B 105 -46.03 -8.82 22.10
CA GLY B 105 -46.12 -7.35 22.03
C GLY B 105 -46.66 -6.84 20.72
N PRO B 106 -46.61 -5.52 20.48
CA PRO B 106 -47.17 -4.92 19.25
C PRO B 106 -46.13 -4.89 18.13
N LEU B 107 -46.58 -4.59 16.91
CA LEU B 107 -45.64 -4.62 15.75
C LEU B 107 -44.71 -3.42 15.81
N TYR B 108 -43.40 -3.66 15.72
CA TYR B 108 -42.43 -2.54 15.63
C TYR B 108 -41.08 -3.09 15.19
N PHE B 109 -40.56 -2.60 14.06
CA PHE B 109 -39.23 -2.96 13.60
C PHE B 109 -38.19 -2.90 14.70
N HIS B 110 -38.13 -3.99 15.48
CA HIS B 110 -37.02 -4.25 16.39
C HIS B 110 -35.85 -4.65 15.52
N HIS B 111 -34.70 -4.00 15.68
CA HIS B 111 -33.53 -4.33 14.86
C HIS B 111 -33.69 -4.12 13.35
N TRP B 112 -32.73 -3.46 12.76
CA TRP B 112 -32.69 -3.19 11.32
C TRP B 112 -31.35 -3.66 10.79
N GLY B 113 -31.32 -3.96 9.50
CA GLY B 113 -30.04 -4.10 8.84
C GLY B 113 -29.44 -2.74 8.54
N GLN B 114 -28.18 -2.75 8.13
CA GLN B 114 -27.62 -1.55 7.56
C GLN B 114 -28.31 -1.28 6.22
N GLY B 115 -28.12 -0.08 5.69
CA GLY B 115 -28.71 0.24 4.41
C GLY B 115 -27.97 -0.45 3.27
N THR B 116 -28.70 -0.68 2.17
CA THR B 116 -28.08 -0.97 0.89
C THR B 116 -28.70 -0.05 -0.15
N LEU B 117 -27.87 0.76 -0.80
CA LEU B 117 -28.36 1.75 -1.74
C LEU B 117 -28.48 1.11 -3.11
N VAL B 118 -29.67 1.21 -3.70
CA VAL B 118 -29.95 0.69 -5.03
C VAL B 118 -30.24 1.88 -5.93
N THR B 119 -29.41 2.05 -6.96
CA THR B 119 -29.59 3.11 -7.94
C THR B 119 -29.99 2.49 -9.27
N VAL B 120 -31.16 2.88 -9.76
CA VAL B 120 -31.65 2.40 -11.06
C VAL B 120 -31.00 3.26 -12.13
N SER B 121 -30.13 2.65 -12.93
CA SER B 121 -29.37 3.37 -13.94
C SER B 121 -28.83 2.39 -14.96
N SER B 122 -28.59 2.89 -16.17
CA SER B 122 -27.96 2.09 -17.21
C SER B 122 -26.46 2.26 -17.25
N ALA B 123 -25.93 3.26 -16.55
CA ALA B 123 -24.50 3.52 -16.57
C ALA B 123 -23.75 2.37 -15.87
N SER B 124 -22.48 2.24 -16.23
CA SER B 124 -21.65 1.17 -15.73
C SER B 124 -21.01 1.54 -14.40
N THR B 125 -20.57 0.51 -13.68
CA THR B 125 -19.84 0.70 -12.44
C THR B 125 -18.43 1.22 -12.71
N LYS B 126 -17.98 2.16 -11.89
CA LYS B 126 -16.63 2.71 -12.00
C LYS B 126 -16.07 2.93 -10.60
N GLY B 127 -14.88 2.37 -10.34
CA GLY B 127 -14.25 2.53 -9.05
C GLY B 127 -13.60 3.90 -8.90
N PRO B 128 -13.40 4.34 -7.66
CA PRO B 128 -12.89 5.69 -7.44
C PRO B 128 -11.37 5.77 -7.52
N SER B 129 -10.90 6.96 -7.87
CA SER B 129 -9.52 7.34 -7.67
C SER B 129 -9.40 8.11 -6.37
N VAL B 130 -8.35 7.83 -5.61
CA VAL B 130 -8.17 8.40 -4.28
C VAL B 130 -6.90 9.22 -4.29
N PHE B 131 -7.03 10.51 -3.99
CA PHE B 131 -5.89 11.42 -4.01
C PHE B 131 -5.71 12.05 -2.64
N PRO B 132 -4.47 12.21 -2.18
CA PRO B 132 -4.25 12.77 -0.85
C PRO B 132 -4.37 14.29 -0.86
N LEU B 133 -5.03 14.81 0.18
CA LEU B 133 -5.08 16.24 0.46
C LEU B 133 -4.13 16.49 1.62
N ALA B 134 -2.89 16.85 1.30
CA ALA B 134 -1.84 16.92 2.30
C ALA B 134 -2.01 18.13 3.21
N PRO B 135 -1.62 17.99 4.47
CA PRO B 135 -1.65 19.12 5.41
C PRO B 135 -0.46 20.05 5.19
N SER B 136 -0.62 21.28 5.67
CA SER B 136 0.46 22.28 5.59
C SER B 136 0.98 22.60 7.00
N GLY B 143 -1.81 25.30 15.47
CA GLY B 143 -2.25 24.31 16.43
C GLY B 143 -3.08 23.19 15.82
N THR B 144 -4.01 23.54 14.95
CA THR B 144 -4.88 22.58 14.28
C THR B 144 -4.59 22.58 12.78
N ALA B 145 -4.37 21.39 12.23
CA ALA B 145 -4.16 21.21 10.81
C ALA B 145 -5.28 20.36 10.24
N ALA B 146 -5.46 20.46 8.92
CA ALA B 146 -6.48 19.69 8.22
C ALA B 146 -5.82 18.87 7.12
N LEU B 147 -6.28 17.63 6.98
CA LEU B 147 -5.83 16.73 5.92
C LEU B 147 -7.01 15.88 5.49
N GLY B 148 -6.86 15.22 4.36
CA GLY B 148 -7.96 14.39 3.90
C GLY B 148 -7.63 13.67 2.62
N CYS B 149 -8.68 13.08 2.05
CA CYS B 149 -8.59 12.30 0.83
C CYS B 149 -9.67 12.74 -0.14
N LEU B 150 -9.28 12.94 -1.40
CA LEU B 150 -10.23 13.24 -2.46
C LEU B 150 -10.58 11.94 -3.17
N VAL B 151 -11.84 11.55 -3.09
CA VAL B 151 -12.34 10.32 -3.68
C VAL B 151 -13.14 10.71 -4.91
N LYS B 152 -12.57 10.49 -6.10
CA LYS B 152 -13.09 11.09 -7.31
C LYS B 152 -13.47 10.06 -8.37
N ASP B 153 -14.53 10.39 -9.12
CA ASP B 153 -14.87 9.74 -10.39
C ASP B 153 -15.24 8.27 -10.21
N TYR B 154 -16.26 8.04 -9.38
CA TYR B 154 -16.77 6.70 -9.16
C TYR B 154 -18.27 6.65 -9.40
N PHE B 155 -18.78 5.43 -9.58
CA PHE B 155 -20.20 5.22 -9.84
C PHE B 155 -20.53 3.75 -9.61
N PRO B 156 -21.67 3.44 -8.97
CA PRO B 156 -22.56 4.46 -8.40
C PRO B 156 -22.21 4.76 -6.96
N GLU B 157 -23.04 5.52 -6.26
CA GLU B 157 -22.93 5.61 -4.82
C GLU B 157 -23.20 4.23 -4.22
N PRO B 158 -22.66 3.92 -3.02
CA PRO B 158 -21.89 4.74 -2.07
C PRO B 158 -20.42 4.34 -1.94
N VAL B 159 -19.60 5.19 -1.32
CA VAL B 159 -18.28 4.81 -0.85
C VAL B 159 -18.26 4.97 0.67
N THR B 160 -17.53 4.08 1.34
CA THR B 160 -17.25 4.24 2.75
C THR B 160 -15.82 4.71 2.93
N VAL B 161 -15.63 5.70 3.80
CA VAL B 161 -14.30 6.21 4.10
C VAL B 161 -14.08 6.05 5.61
N SER B 162 -13.00 5.37 5.97
CA SER B 162 -12.55 5.33 7.35
C SER B 162 -11.11 5.78 7.40
N TRP B 163 -10.69 6.23 8.57
CA TRP B 163 -9.33 6.70 8.78
C TRP B 163 -8.62 5.79 9.77
N ASN B 164 -7.46 5.27 9.38
CA ASN B 164 -6.64 4.43 10.24
C ASN B 164 -7.42 3.21 10.72
N SER B 165 -8.00 2.49 9.76
CA SER B 165 -8.76 1.27 10.03
C SER B 165 -9.86 1.50 11.05
N GLY B 166 -10.40 2.72 11.11
CA GLY B 166 -11.45 3.06 12.02
C GLY B 166 -11.00 3.63 13.36
N ALA B 167 -9.69 3.64 13.63
CA ALA B 167 -9.21 4.18 14.90
C ALA B 167 -9.35 5.70 14.97
N LEU B 168 -9.41 6.38 13.83
CA LEU B 168 -9.50 7.84 13.78
C LEU B 168 -10.92 8.23 13.41
N THR B 169 -11.68 8.72 14.38
CA THR B 169 -13.05 9.16 14.20
C THR B 169 -13.27 10.61 14.57
N SER B 170 -12.61 11.08 15.63
CA SER B 170 -12.74 12.46 16.07
C SER B 170 -12.35 13.42 14.95
N GLY B 171 -13.20 14.42 14.71
CA GLY B 171 -12.90 15.43 13.73
C GLY B 171 -13.00 14.99 12.29
N VAL B 172 -13.56 13.82 12.02
CA VAL B 172 -13.70 13.32 10.66
C VAL B 172 -15.00 13.85 10.08
N HIS B 173 -14.91 14.46 8.89
CA HIS B 173 -16.06 14.91 8.14
C HIS B 173 -15.96 14.31 6.74
N THR B 174 -16.81 13.33 6.44
CA THR B 174 -16.88 12.80 5.08
C THR B 174 -18.12 13.39 4.41
N PHE B 175 -17.88 14.22 3.40
CA PHE B 175 -18.96 15.02 2.84
C PHE B 175 -19.84 14.18 1.91
N PRO B 176 -21.12 14.55 1.79
CA PRO B 176 -21.97 13.93 0.77
C PRO B 176 -21.36 14.10 -0.61
N ALA B 177 -21.48 13.04 -1.41
CA ALA B 177 -20.95 13.07 -2.76
C ALA B 177 -21.77 14.01 -3.65
N VAL B 178 -21.09 14.66 -4.58
CA VAL B 178 -21.74 15.50 -5.58
C VAL B 178 -21.62 14.80 -6.92
N LEU B 179 -22.66 14.93 -7.73
CA LEU B 179 -22.67 14.37 -9.07
C LEU B 179 -21.99 15.37 -10.00
N GLN B 180 -20.92 14.95 -10.66
CA GLN B 180 -20.18 15.85 -11.51
C GLN B 180 -20.74 15.86 -12.93
N SER B 181 -20.35 16.88 -13.69
CA SER B 181 -20.73 17.05 -15.09
C SER B 181 -20.62 15.75 -15.87
N SER B 182 -19.59 14.96 -15.57
CA SER B 182 -19.34 13.70 -16.26
C SER B 182 -20.34 12.61 -15.89
N GLY B 183 -21.17 12.81 -14.86
CA GLY B 183 -22.04 11.77 -14.37
C GLY B 183 -21.44 10.89 -13.29
N LEU B 184 -20.18 11.10 -12.93
CA LEU B 184 -19.52 10.35 -11.88
C LEU B 184 -19.60 11.12 -10.56
N TYR B 185 -19.53 10.38 -9.45
CA TYR B 185 -19.58 10.98 -8.13
C TYR B 185 -18.17 11.28 -7.61
N SER B 186 -18.09 12.27 -6.72
CA SER B 186 -16.85 12.65 -6.09
C SER B 186 -17.16 13.23 -4.72
N LEU B 187 -16.34 12.90 -3.73
CA LEU B 187 -16.45 13.48 -2.40
C LEU B 187 -15.05 13.65 -1.83
N SER B 188 -14.99 14.42 -0.75
CA SER B 188 -13.79 14.55 0.05
C SER B 188 -14.09 14.14 1.47
N SER B 189 -13.12 13.47 2.09
CA SER B 189 -13.14 13.16 3.51
C SER B 189 -11.98 13.89 4.15
N VAL B 190 -12.26 14.66 5.20
CA VAL B 190 -11.24 15.45 5.87
C VAL B 190 -11.30 15.18 7.36
N VAL B 191 -10.19 15.45 8.03
CA VAL B 191 -10.12 15.37 9.48
C VAL B 191 -9.23 16.50 9.96
N THR B 192 -9.60 17.13 11.07
CA THR B 192 -8.77 18.13 11.72
C THR B 192 -7.99 17.46 12.85
N VAL B 193 -6.67 17.58 12.80
CA VAL B 193 -5.78 16.97 13.79
C VAL B 193 -4.82 18.04 14.29
N PRO B 194 -4.19 17.82 15.44
CA PRO B 194 -3.21 18.79 15.94
C PRO B 194 -2.00 18.89 15.02
N SER B 195 -1.49 20.12 14.87
CA SER B 195 -0.27 20.32 14.08
C SER B 195 0.89 19.49 14.61
N SER B 196 0.87 19.18 15.91
CA SER B 196 1.91 18.32 16.50
C SER B 196 1.96 16.93 15.88
N SER B 197 0.80 16.31 15.62
CA SER B 197 0.70 14.97 15.05
C SER B 197 1.67 14.80 13.92
N LEU B 198 1.66 15.83 13.07
CA LEU B 198 2.13 15.73 11.71
C LEU B 198 3.56 15.38 11.88
N GLY B 199 3.84 14.18 11.52
CA GLY B 199 5.11 13.66 11.85
C GLY B 199 4.94 12.45 12.70
N THR B 200 4.73 12.67 14.02
CA THR B 200 4.57 11.52 14.94
C THR B 200 3.39 10.62 14.60
N GLN B 201 2.41 11.09 13.84
CA GLN B 201 1.19 10.32 13.59
C GLN B 201 1.06 9.98 12.11
N THR B 202 0.67 8.74 11.84
CA THR B 202 0.36 8.28 10.50
C THR B 202 -1.13 8.46 10.24
N TYR B 203 -1.47 8.92 9.05
CA TYR B 203 -2.87 9.10 8.67
C TYR B 203 -3.12 8.40 7.34
N ILE B 204 -3.97 7.37 7.36
CA ILE B 204 -4.33 6.60 6.19
C ILE B 204 -5.84 6.61 6.06
N CYS B 205 -6.34 7.00 4.90
CA CYS B 205 -7.76 6.93 4.64
C CYS B 205 -8.05 5.62 3.92
N ASN B 206 -9.09 4.92 4.37
CA ASN B 206 -9.48 3.64 3.80
C ASN B 206 -10.76 3.84 3.01
N VAL B 207 -10.68 3.62 1.70
CA VAL B 207 -11.80 3.87 0.80
C VAL B 207 -12.31 2.54 0.29
N ASN B 208 -13.58 2.26 0.53
CA ASN B 208 -14.22 1.03 0.07
C ASN B 208 -15.39 1.40 -0.84
N HIS B 209 -15.40 0.84 -2.03
CA HIS B 209 -16.47 1.01 -3.01
C HIS B 209 -17.02 -0.38 -3.31
N LYS B 210 -18.08 -0.76 -2.58
CA LYS B 210 -18.62 -2.11 -2.74
C LYS B 210 -19.16 -2.40 -4.14
N PRO B 211 -19.89 -1.50 -4.82
CA PRO B 211 -20.41 -1.84 -6.15
C PRO B 211 -19.34 -2.24 -7.15
N SER B 212 -18.08 -1.80 -6.97
CA SER B 212 -16.99 -2.20 -7.84
C SER B 212 -15.99 -3.11 -7.16
N ASN B 213 -16.24 -3.47 -5.90
CA ASN B 213 -15.30 -4.23 -5.09
C ASN B 213 -13.88 -3.68 -5.24
N THR B 214 -13.78 -2.36 -5.12
CA THR B 214 -12.49 -1.68 -5.12
C THR B 214 -12.21 -1.17 -3.72
N LYS B 215 -10.95 -1.28 -3.31
CA LYS B 215 -10.53 -1.03 -1.94
C LYS B 215 -9.16 -0.37 -1.99
N VAL B 216 -9.10 0.91 -1.63
CA VAL B 216 -7.88 1.70 -1.72
C VAL B 216 -7.53 2.23 -0.35
N ASP B 217 -6.30 2.00 0.08
CA ASP B 217 -5.70 2.71 1.20
C ASP B 217 -4.70 3.73 0.64
N LYS B 218 -4.83 4.98 1.08
CA LYS B 218 -3.92 6.04 0.65
C LYS B 218 -3.37 6.72 1.88
N ARG B 219 -2.05 6.77 2.01
CA ARG B 219 -1.43 7.47 3.12
C ARG B 219 -1.31 8.95 2.79
N VAL B 220 -1.67 9.79 3.75
CA VAL B 220 -1.63 11.25 3.59
C VAL B 220 -0.47 11.77 4.41
N GLU B 221 0.59 12.22 3.73
CA GLU B 221 1.81 12.74 4.33
C GLU B 221 1.91 14.25 4.12
N PRO B 222 2.43 14.99 5.09
CA PRO B 222 2.62 16.43 4.90
C PRO B 222 3.66 16.70 3.81
N LYS B 223 3.39 17.72 3.00
CA LYS B 223 4.26 18.06 1.87
C LYS B 223 4.86 19.44 2.02
N ASP C 1 40.85 -35.18 -3.92
CA ASP C 1 41.91 -35.77 -4.71
C ASP C 1 42.68 -34.69 -5.48
N ILE C 2 42.28 -34.47 -6.74
CA ILE C 2 42.95 -33.49 -7.58
C ILE C 2 42.50 -32.09 -7.19
N GLN C 3 43.45 -31.15 -7.20
CA GLN C 3 43.20 -29.77 -6.81
C GLN C 3 43.58 -28.83 -7.94
N MET C 4 42.84 -27.72 -8.04
CA MET C 4 43.10 -26.70 -9.05
C MET C 4 43.66 -25.45 -8.37
N THR C 5 44.60 -24.79 -9.06
CA THR C 5 45.24 -23.59 -8.54
C THR C 5 45.16 -22.51 -9.63
N GLN C 6 44.36 -21.49 -9.37
CA GLN C 6 44.14 -20.39 -10.32
C GLN C 6 45.07 -19.24 -10.02
N SER C 7 45.64 -18.65 -11.07
CA SER C 7 46.54 -17.51 -10.95
C SER C 7 46.29 -16.53 -12.09
N PRO C 8 46.24 -15.22 -11.80
CA PRO C 8 46.40 -14.64 -10.46
C PRO C 8 45.08 -14.56 -9.71
N SER C 9 45.09 -14.02 -8.49
CA SER C 9 43.85 -13.87 -7.73
C SER C 9 43.04 -12.68 -8.21
N SER C 10 43.71 -11.53 -8.40
CA SER C 10 43.07 -10.33 -8.88
C SER C 10 43.88 -9.74 -10.02
N LEU C 11 43.23 -8.90 -10.82
CA LEU C 11 43.85 -8.41 -12.03
C LEU C 11 43.18 -7.11 -12.45
N SER C 12 43.99 -6.15 -12.90
CA SER C 12 43.51 -4.86 -13.36
C SER C 12 44.14 -4.58 -14.72
N ALA C 13 43.30 -4.33 -15.73
CA ALA C 13 43.78 -4.11 -17.08
C ALA C 13 42.91 -3.05 -17.76
N SER C 14 43.50 -2.37 -18.74
CA SER C 14 42.80 -1.33 -19.49
C SER C 14 41.92 -1.94 -20.58
N VAL C 15 40.99 -1.12 -21.08
CA VAL C 15 40.08 -1.57 -22.14
C VAL C 15 40.87 -1.79 -23.42
N GLY C 16 40.63 -2.91 -24.07
CA GLY C 16 41.27 -3.23 -25.33
C GLY C 16 42.47 -4.14 -25.20
N ASP C 17 43.06 -4.22 -24.01
CA ASP C 17 44.26 -5.01 -23.80
C ASP C 17 43.92 -6.50 -23.70
N ARG C 18 44.97 -7.31 -23.71
CA ARG C 18 44.85 -8.76 -23.64
C ARG C 18 45.14 -9.20 -22.21
N VAL C 19 44.33 -10.13 -21.72
CA VAL C 19 44.40 -10.60 -20.35
C VAL C 19 44.60 -12.11 -20.39
N THR C 20 45.48 -12.62 -19.53
CA THR C 20 45.75 -14.05 -19.49
C THR C 20 45.55 -14.57 -18.08
N ILE C 21 44.78 -15.64 -17.96
CA ILE C 21 44.47 -16.29 -16.68
C ILE C 21 44.92 -17.73 -16.76
N THR C 22 45.63 -18.19 -15.74
CA THR C 22 46.21 -19.53 -15.70
C THR C 22 45.59 -20.32 -14.55
N CYS C 23 45.25 -21.58 -14.83
CA CYS C 23 44.78 -22.51 -13.82
C CYS C 23 45.62 -23.78 -13.93
N ARG C 24 46.23 -24.18 -12.81
CA ARG C 24 47.17 -25.29 -12.79
C ARG C 24 46.62 -26.46 -11.99
N ALA C 25 46.90 -27.68 -12.46
CA ALA C 25 46.27 -28.90 -11.99
C ALA C 25 47.23 -29.76 -11.17
N SER C 26 46.66 -30.51 -10.22
CA SER C 26 47.45 -31.45 -9.43
C SER C 26 48.02 -32.57 -10.28
N GLN C 27 47.22 -33.14 -11.19
CA GLN C 27 47.65 -34.21 -12.08
C GLN C 27 47.32 -33.84 -13.52
N SER C 28 47.64 -34.76 -14.44
CA SER C 28 47.37 -34.58 -15.86
C SER C 28 45.90 -34.80 -16.18
N LEU C 29 45.18 -33.72 -16.49
CA LEU C 29 43.75 -33.79 -16.76
C LEU C 29 43.40 -33.99 -18.23
N SER C 30 44.40 -34.02 -19.11
CA SER C 30 44.17 -34.05 -20.56
C SER C 30 43.48 -32.75 -20.94
N GLY C 31 42.35 -32.81 -21.60
CA GLY C 31 41.58 -31.60 -21.88
C GLY C 31 40.34 -31.41 -21.02
N TYR C 32 40.25 -32.14 -19.90
CA TYR C 32 39.09 -32.12 -19.02
C TYR C 32 39.06 -30.91 -18.08
N LEU C 33 39.08 -29.72 -18.66
CA LEU C 33 38.90 -28.47 -17.90
C LEU C 33 37.88 -27.54 -18.55
N ASN C 34 37.09 -26.85 -17.70
CA ASN C 34 36.08 -25.91 -18.15
C ASN C 34 36.28 -24.56 -17.46
N TRP C 35 35.79 -23.50 -18.10
CA TRP C 35 35.92 -22.14 -17.61
C TRP C 35 34.54 -21.51 -17.44
N TYR C 36 34.38 -20.76 -16.34
CA TYR C 36 33.15 -20.04 -16.05
C TYR C 36 33.43 -18.57 -15.86
N GLN C 37 32.41 -17.76 -16.15
CA GLN C 37 32.42 -16.32 -15.88
C GLN C 37 31.25 -16.02 -14.93
N GLN C 38 31.53 -15.27 -13.87
CA GLN C 38 30.50 -14.89 -12.91
C GLN C 38 30.51 -13.39 -12.71
N LYS C 39 29.38 -12.77 -12.90
CA LYS C 39 29.14 -11.38 -12.60
C LYS C 39 28.56 -11.23 -11.20
N PRO C 40 28.85 -10.12 -10.52
CA PRO C 40 28.44 -9.97 -9.11
C PRO C 40 26.95 -10.19 -8.90
N GLY C 41 26.62 -11.05 -7.93
CA GLY C 41 25.24 -11.33 -7.58
C GLY C 41 24.50 -12.25 -8.53
N LYS C 42 25.17 -12.80 -9.53
CA LYS C 42 24.52 -13.63 -10.53
C LYS C 42 25.16 -15.02 -10.54
N ALA C 43 24.43 -15.97 -11.10
CA ALA C 43 24.96 -17.31 -11.25
C ALA C 43 26.05 -17.32 -12.32
N PRO C 44 27.08 -18.14 -12.14
CA PRO C 44 28.15 -18.18 -13.14
C PRO C 44 27.66 -18.78 -14.46
N LYS C 45 28.31 -18.36 -15.53
CA LYS C 45 27.97 -18.76 -16.89
C LYS C 45 29.15 -19.51 -17.49
N LEU C 46 28.84 -20.58 -18.22
CA LEU C 46 29.90 -21.41 -18.79
C LEU C 46 30.40 -20.75 -20.07
N LEU C 47 31.69 -20.42 -20.11
CA LEU C 47 32.32 -19.81 -21.28
C LEU C 47 32.90 -20.87 -22.21
N ILE C 48 33.75 -21.74 -21.67
CA ILE C 48 34.47 -22.72 -22.46
C ILE C 48 34.42 -24.06 -21.73
N TYR C 49 34.19 -25.13 -22.48
CA TYR C 49 34.35 -26.48 -21.97
C TYR C 49 35.27 -27.25 -22.90
N ALA C 50 35.83 -28.34 -22.37
CA ALA C 50 36.85 -29.12 -23.07
C ALA C 50 38.03 -28.23 -23.45
N THR C 51 38.41 -27.34 -22.54
CA THR C 51 39.62 -26.51 -22.63
C THR C 51 39.54 -25.41 -23.67
N SER C 52 39.03 -25.71 -24.87
CA SER C 52 39.14 -24.78 -25.98
C SER C 52 37.82 -24.54 -26.71
N THR C 53 36.81 -25.36 -26.53
CA THR C 53 35.57 -25.23 -27.28
C THR C 53 34.66 -24.18 -26.64
N LEU C 54 34.31 -23.16 -27.42
CA LEU C 54 33.50 -22.06 -26.91
C LEU C 54 32.03 -22.46 -26.90
N GLN C 55 31.34 -22.11 -25.81
CA GLN C 55 29.90 -22.23 -25.81
C GLN C 55 29.30 -21.27 -26.82
N ARG C 56 28.05 -21.53 -27.21
CA ARG C 56 27.48 -20.73 -28.27
C ARG C 56 26.90 -19.46 -27.65
N GLY C 57 27.18 -18.33 -28.28
CA GLY C 57 26.86 -17.02 -27.75
C GLY C 57 27.98 -16.29 -27.03
N VAL C 58 29.03 -16.96 -26.56
CA VAL C 58 30.09 -16.18 -25.91
C VAL C 58 30.89 -15.46 -26.98
N PRO C 59 31.26 -14.19 -26.78
CA PRO C 59 31.98 -13.46 -27.83
C PRO C 59 33.27 -14.16 -28.23
N SER C 60 33.64 -13.98 -29.50
CA SER C 60 34.86 -14.60 -30.03
C SER C 60 36.11 -14.14 -29.32
N ARG C 61 36.03 -13.10 -28.49
CA ARG C 61 37.21 -12.58 -27.81
C ARG C 61 37.78 -13.54 -26.78
N PHE C 62 36.98 -14.45 -26.25
CA PHE C 62 37.44 -15.41 -25.27
C PHE C 62 38.06 -16.62 -25.96
N SER C 63 39.09 -17.18 -25.33
CA SER C 63 39.77 -18.33 -25.89
C SER C 63 40.36 -19.16 -24.77
N GLY C 64 40.39 -20.47 -24.97
CA GLY C 64 40.98 -21.37 -24.01
C GLY C 64 42.03 -22.24 -24.68
N SER C 65 43.10 -22.50 -23.94
CA SER C 65 44.24 -23.24 -24.46
C SER C 65 44.82 -24.10 -23.34
N GLY C 66 45.75 -24.95 -23.72
CA GLY C 66 46.50 -25.73 -22.76
C GLY C 66 46.19 -27.21 -22.85
N SER C 67 47.11 -28.01 -22.30
CA SER C 67 47.00 -29.45 -22.27
C SER C 67 47.86 -29.96 -21.13
N GLY C 68 47.47 -31.10 -20.57
CA GLY C 68 48.24 -31.69 -19.50
C GLY C 68 47.97 -31.08 -18.14
N THR C 69 48.97 -30.38 -17.61
CA THR C 69 48.89 -29.81 -16.26
C THR C 69 48.52 -28.34 -16.22
N ASP C 70 48.80 -27.56 -17.27
CA ASP C 70 48.55 -26.12 -17.26
C ASP C 70 47.54 -25.75 -18.33
N PHE C 71 46.62 -24.85 -17.98
CA PHE C 71 45.56 -24.40 -18.88
C PHE C 71 45.42 -22.89 -18.76
N THR C 72 44.81 -22.28 -19.77
CA THR C 72 44.76 -20.84 -19.88
C THR C 72 43.39 -20.38 -20.38
N LEU C 73 42.88 -19.31 -19.77
CA LEU C 73 41.75 -18.55 -20.28
C LEU C 73 42.27 -17.21 -20.78
N THR C 74 41.86 -16.84 -21.99
CA THR C 74 42.45 -15.69 -22.68
C THR C 74 41.35 -14.81 -23.25
N ILE C 75 41.44 -13.51 -23.00
CA ILE C 75 40.50 -12.51 -23.49
C ILE C 75 41.26 -11.58 -24.42
N SER C 76 40.98 -11.66 -25.73
CA SER C 76 41.75 -10.92 -26.72
C SER C 76 41.74 -9.42 -26.43
N SER C 77 40.56 -8.82 -26.38
CA SER C 77 40.42 -7.39 -26.12
C SER C 77 39.42 -7.19 -24.99
N LEU C 78 39.86 -6.54 -23.91
CA LEU C 78 38.98 -6.28 -22.79
C LEU C 78 37.93 -5.22 -23.14
N GLN C 79 36.69 -5.49 -22.76
CA GLN C 79 35.60 -4.53 -22.80
C GLN C 79 35.08 -4.32 -21.39
N PRO C 80 34.42 -3.19 -21.12
CA PRO C 80 33.87 -2.98 -19.77
C PRO C 80 32.95 -4.09 -19.28
N GLU C 81 32.19 -4.72 -20.18
CA GLU C 81 31.31 -5.82 -19.76
C GLU C 81 32.08 -7.02 -19.22
N ASP C 82 33.36 -7.16 -19.58
CA ASP C 82 34.14 -8.31 -19.16
C ASP C 82 34.43 -8.33 -17.66
N PHE C 83 34.08 -7.27 -16.94
CA PHE C 83 34.27 -7.23 -15.49
C PHE C 83 33.55 -8.39 -14.82
N ALA C 84 34.29 -9.32 -14.25
CA ALA C 84 33.69 -10.50 -13.63
C ALA C 84 34.78 -11.24 -12.86
N ILE C 85 34.39 -12.35 -12.23
CA ILE C 85 35.31 -13.31 -11.65
C ILE C 85 35.26 -14.56 -12.51
N TYR C 86 36.42 -15.10 -12.86
CA TYR C 86 36.53 -16.24 -13.75
C TYR C 86 37.05 -17.46 -12.98
N TYR C 87 36.38 -18.60 -13.18
CA TYR C 87 36.72 -19.84 -12.49
C TYR C 87 37.04 -20.93 -13.49
N CYS C 88 38.13 -21.65 -13.25
CA CYS C 88 38.36 -22.94 -13.88
C CYS C 88 37.67 -24.02 -13.06
N GLN C 89 37.23 -25.07 -13.74
CA GLN C 89 36.58 -26.18 -13.04
C GLN C 89 36.98 -27.49 -13.69
N GLN C 90 37.34 -28.46 -12.85
CA GLN C 90 37.73 -29.78 -13.33
C GLN C 90 36.65 -30.80 -12.99
N SER C 91 36.49 -31.78 -13.88
CA SER C 91 35.74 -33.00 -13.63
C SER C 91 36.07 -33.97 -14.75
N TYR C 92 35.73 -35.24 -14.53
CA TYR C 92 35.88 -36.27 -15.53
C TYR C 92 34.50 -36.63 -16.09
N SER C 93 34.36 -37.85 -16.63
CA SER C 93 33.06 -38.27 -17.14
C SER C 93 32.02 -38.43 -16.04
N THR C 94 32.41 -38.30 -14.78
CA THR C 94 31.53 -38.46 -13.63
C THR C 94 32.01 -37.51 -12.56
N PRO C 95 31.15 -37.13 -11.62
CA PRO C 95 31.60 -36.32 -10.48
C PRO C 95 32.74 -37.02 -9.75
N PRO C 96 33.52 -36.30 -8.91
CA PRO C 96 33.35 -34.94 -8.37
C PRO C 96 33.73 -33.78 -9.30
N TYR C 97 33.34 -32.58 -8.89
CA TYR C 97 33.75 -31.33 -9.52
C TYR C 97 34.74 -30.61 -8.61
N THR C 98 35.57 -29.77 -9.21
CA THR C 98 36.50 -28.94 -8.47
C THR C 98 36.60 -27.57 -9.13
N PHE C 99 36.69 -26.53 -8.32
CA PHE C 99 36.81 -25.17 -8.82
C PHE C 99 38.14 -24.56 -8.41
N GLY C 100 38.59 -23.58 -9.19
CA GLY C 100 39.69 -22.74 -8.79
C GLY C 100 39.24 -21.65 -7.84
N GLN C 101 40.20 -21.05 -7.14
CA GLN C 101 39.89 -19.97 -6.21
C GLN C 101 39.23 -18.79 -6.92
N GLY C 102 39.56 -18.59 -8.18
CA GLY C 102 38.92 -17.55 -8.96
C GLY C 102 39.85 -16.38 -9.20
N THR C 103 39.62 -15.70 -10.32
CA THR C 103 40.37 -14.50 -10.68
C THR C 103 39.39 -13.37 -10.94
N LYS C 104 39.50 -12.30 -10.17
CA LYS C 104 38.65 -11.13 -10.35
C LYS C 104 39.37 -10.15 -11.26
N VAL C 105 38.74 -9.82 -12.40
CA VAL C 105 39.33 -8.91 -13.37
C VAL C 105 38.60 -7.57 -13.29
N GLU C 106 39.33 -6.54 -12.89
CA GLU C 106 38.84 -5.18 -12.90
C GLU C 106 39.37 -4.47 -14.14
N ILE C 107 38.78 -3.32 -14.46
CA ILE C 107 39.11 -2.58 -15.66
C ILE C 107 39.75 -1.26 -15.26
N LYS C 108 40.87 -0.93 -15.89
CA LYS C 108 41.52 0.36 -15.72
C LYS C 108 40.94 1.31 -16.76
N ARG C 109 40.62 2.53 -16.35
CA ARG C 109 39.97 3.45 -17.26
C ARG C 109 40.32 4.89 -16.89
N THR C 110 39.72 5.82 -17.64
CA THR C 110 39.96 7.25 -17.48
C THR C 110 39.47 7.76 -16.13
N VAL C 111 40.16 8.78 -15.61
CA VAL C 111 39.71 9.44 -14.39
C VAL C 111 38.37 10.12 -14.64
N ALA C 112 37.43 9.92 -13.72
CA ALA C 112 36.11 10.52 -13.80
C ALA C 112 35.80 11.16 -12.46
N ALA C 113 35.51 12.46 -12.46
CA ALA C 113 35.20 13.12 -11.21
C ALA C 113 33.79 12.75 -10.75
N PRO C 114 33.57 12.62 -9.45
CA PRO C 114 32.24 12.25 -8.97
C PRO C 114 31.31 13.45 -8.90
N SER C 115 30.03 13.18 -9.13
CA SER C 115 28.96 14.08 -8.73
C SER C 115 28.60 13.72 -7.29
N VAL C 116 28.47 14.74 -6.43
CA VAL C 116 28.28 14.54 -5.01
C VAL C 116 26.89 15.04 -4.62
N PHE C 117 26.18 14.25 -3.83
CA PHE C 117 24.86 14.61 -3.33
C PHE C 117 24.80 14.35 -1.84
N ILE C 118 24.02 15.17 -1.14
CA ILE C 118 23.83 15.05 0.30
C ILE C 118 22.34 14.97 0.59
N PHE C 119 21.96 14.03 1.45
CA PHE C 119 20.56 13.85 1.84
C PHE C 119 20.43 14.04 3.34
N PRO C 120 19.65 15.01 3.80
CA PRO C 120 19.35 15.09 5.23
C PRO C 120 18.55 13.86 5.66
N PRO C 121 18.52 13.54 6.94
CA PRO C 121 17.67 12.44 7.38
C PRO C 121 16.21 12.78 7.11
N SER C 122 15.45 11.75 6.70
CA SER C 122 14.01 11.95 6.59
C SER C 122 13.45 12.24 7.96
N ASP C 123 12.26 12.86 8.00
CA ASP C 123 11.58 12.98 9.28
C ASP C 123 11.05 11.63 9.72
N GLU C 124 10.59 10.79 8.77
CA GLU C 124 10.09 9.47 9.09
C GLU C 124 11.07 8.71 9.97
N GLN C 125 12.37 8.88 9.72
CA GLN C 125 13.39 8.23 10.54
C GLN C 125 13.55 8.94 11.87
N LEU C 126 13.59 10.26 11.86
CA LEU C 126 13.89 10.99 13.12
C LEU C 126 12.81 10.68 14.16
N LYS C 127 11.67 10.17 13.73
CA LYS C 127 10.62 9.75 14.69
C LYS C 127 11.10 8.47 15.38
N SER C 128 12.08 7.78 14.79
CA SER C 128 12.65 6.55 15.39
C SER C 128 13.77 6.90 16.36
N GLY C 129 14.21 8.15 16.38
CA GLY C 129 15.22 8.58 17.36
C GLY C 129 16.63 8.47 16.81
N THR C 130 16.75 8.23 15.50
CA THR C 130 18.05 8.11 14.88
C THR C 130 18.04 9.01 13.66
N ALA C 131 19.22 9.52 13.33
CA ALA C 131 19.41 10.43 12.21
C ALA C 131 20.53 9.88 11.35
N SER C 132 20.22 9.49 10.12
CA SER C 132 21.22 9.06 9.16
C SER C 132 21.34 10.13 8.10
N VAL C 133 22.53 10.70 7.96
CA VAL C 133 22.85 11.63 6.89
C VAL C 133 23.68 10.86 5.86
N VAL C 134 23.26 10.94 4.60
CA VAL C 134 23.86 10.14 3.53
C VAL C 134 24.51 11.08 2.53
N CYS C 135 25.78 10.79 2.20
CA CYS C 135 26.49 11.48 1.14
C CYS C 135 26.75 10.47 0.02
N LEU C 136 26.36 10.83 -1.21
CA LEU C 136 26.45 9.93 -2.34
C LEU C 136 27.46 10.45 -3.35
N LEU C 137 28.40 9.59 -3.75
CA LEU C 137 29.37 9.87 -4.79
C LEU C 137 29.04 8.97 -5.97
N ASN C 138 28.69 9.58 -7.10
CA ASN C 138 28.15 8.84 -8.24
C ASN C 138 29.18 8.72 -9.35
N ASN C 139 29.31 7.50 -9.90
CA ASN C 139 29.97 7.22 -11.17
C ASN C 139 31.32 7.96 -11.28
N PHE C 140 32.26 7.54 -10.44
CA PHE C 140 33.60 8.12 -10.40
C PHE C 140 34.66 7.03 -10.61
N TYR C 141 35.89 7.50 -10.87
CA TYR C 141 37.04 6.63 -11.04
C TYR C 141 38.28 7.48 -10.85
N PRO C 142 39.32 6.99 -10.14
CA PRO C 142 39.38 5.64 -9.55
C PRO C 142 38.57 5.48 -8.28
N ARG C 143 38.54 4.25 -7.76
CA ARG C 143 37.70 3.96 -6.60
C ARG C 143 38.17 4.70 -5.36
N GLU C 144 39.44 5.08 -5.32
CA GLU C 144 40.03 5.66 -4.13
C GLU C 144 39.57 7.11 -3.98
N ALA C 145 38.78 7.36 -2.94
CA ALA C 145 38.26 8.69 -2.64
C ALA C 145 38.08 8.81 -1.13
N LYS C 146 38.15 10.04 -0.64
CA LYS C 146 38.05 10.32 0.78
C LYS C 146 36.88 11.24 1.05
N VAL C 147 36.02 10.84 1.99
CA VAL C 147 34.83 11.58 2.37
C VAL C 147 34.95 11.95 3.85
N GLN C 148 34.80 13.24 4.14
CA GLN C 148 34.91 13.75 5.51
C GLN C 148 33.62 14.46 5.89
N TRP C 149 33.13 14.17 7.09
CA TRP C 149 31.92 14.79 7.63
C TRP C 149 32.30 15.87 8.62
N LYS C 150 31.74 17.06 8.43
CA LYS C 150 31.91 18.18 9.35
C LYS C 150 30.53 18.67 9.79
N VAL C 151 30.33 18.78 11.09
CA VAL C 151 29.09 19.28 11.66
C VAL C 151 29.42 20.56 12.42
N ASP C 152 28.87 21.68 11.97
CA ASP C 152 29.26 23.01 12.45
C ASP C 152 30.77 23.16 12.39
N ASN C 153 31.36 22.68 11.29
CA ASN C 153 32.76 22.86 10.91
C ASN C 153 33.66 21.95 11.71
N ALA C 154 33.10 21.10 12.57
CA ALA C 154 33.85 20.15 13.37
C ALA C 154 33.81 18.82 12.65
N LEU C 155 34.96 18.36 12.18
CA LEU C 155 35.05 17.09 11.49
C LEU C 155 34.75 15.94 12.43
N GLN C 156 33.97 14.98 11.94
CA GLN C 156 33.55 13.84 12.74
C GLN C 156 34.54 12.69 12.59
N SER C 157 34.45 11.75 13.52
CA SER C 157 35.24 10.53 13.44
C SER C 157 34.48 9.39 14.11
N GLY C 158 34.56 8.21 13.50
CA GLY C 158 34.06 7.00 14.11
C GLY C 158 32.56 6.77 14.01
N ASN C 159 31.79 7.78 13.62
CA ASN C 159 30.33 7.66 13.55
C ASN C 159 29.83 7.67 12.11
N SER C 160 30.69 7.37 11.15
CA SER C 160 30.30 7.29 9.75
C SER C 160 30.84 6.00 9.16
N GLN C 161 30.08 5.44 8.22
CA GLN C 161 30.46 4.24 7.50
C GLN C 161 30.18 4.48 6.02
N GLU C 162 30.96 3.81 5.17
CA GLU C 162 30.78 3.97 3.73
C GLU C 162 30.68 2.62 3.05
N SER C 163 30.03 2.62 1.90
CA SER C 163 29.83 1.43 1.08
C SER C 163 30.01 1.80 -0.37
N VAL C 164 30.57 0.87 -1.15
CA VAL C 164 30.94 1.12 -2.55
C VAL C 164 30.35 0.04 -3.43
N THR C 165 29.87 0.43 -4.60
CA THR C 165 29.36 -0.53 -5.57
C THR C 165 30.50 -1.26 -6.26
N GLU C 166 30.16 -2.40 -6.87
CA GLU C 166 31.09 -3.06 -7.76
C GLU C 166 31.38 -2.17 -8.96
N GLN C 167 32.43 -2.51 -9.69
CA GLN C 167 32.74 -1.74 -10.90
C GLN C 167 31.56 -1.81 -11.86
N ASP C 168 31.10 -0.66 -12.30
CA ASP C 168 29.97 -0.63 -13.22
C ASP C 168 30.37 -1.30 -14.54
N SER C 169 29.40 -1.98 -15.15
CA SER C 169 29.70 -2.83 -16.28
C SER C 169 29.74 -2.11 -17.62
N LYS C 170 29.18 -0.90 -17.70
CA LYS C 170 29.23 -0.13 -18.95
C LYS C 170 30.31 0.95 -18.95
N ASP C 171 30.45 1.71 -17.87
CA ASP C 171 31.40 2.82 -17.84
C ASP C 171 32.54 2.58 -16.86
N SER C 172 32.60 1.39 -16.24
CA SER C 172 33.73 0.98 -15.42
C SER C 172 33.95 1.92 -14.24
N THR C 173 32.89 2.60 -13.79
CA THR C 173 33.02 3.51 -12.66
C THR C 173 32.46 2.87 -11.40
N TYR C 174 32.68 3.57 -10.29
CA TYR C 174 32.20 3.18 -8.98
C TYR C 174 31.26 4.24 -8.44
N SER C 175 30.45 3.84 -7.47
CA SER C 175 29.65 4.79 -6.71
C SER C 175 29.80 4.47 -5.23
N LEU C 176 29.68 5.51 -4.41
CA LEU C 176 30.00 5.40 -2.99
C LEU C 176 28.93 6.07 -2.16
N SER C 177 28.52 5.40 -1.09
CA SER C 177 27.62 5.96 -0.10
C SER C 177 28.37 6.11 1.21
N SER C 178 28.28 7.28 1.82
CA SER C 178 28.82 7.56 3.14
C SER C 178 27.68 7.95 4.06
N THR C 179 27.53 7.23 5.17
CA THR C 179 26.38 7.41 6.05
C THR C 179 26.87 7.85 7.43
N LEU C 180 26.43 9.03 7.85
CA LEU C 180 26.73 9.58 9.16
C LEU C 180 25.55 9.28 10.09
N THR C 181 25.81 8.55 11.18
CA THR C 181 24.76 8.13 12.10
C THR C 181 24.81 8.95 13.39
N LEU C 182 23.68 9.54 13.74
CA LEU C 182 23.51 10.36 14.94
C LEU C 182 22.24 9.96 15.65
N SER C 183 22.15 10.34 16.92
CA SER C 183 20.87 10.25 17.62
C SER C 183 20.07 11.52 17.34
N LYS C 184 18.74 11.39 17.42
CA LYS C 184 17.88 12.52 17.10
C LYS C 184 18.19 13.72 18.00
N ALA C 185 18.44 13.48 19.28
CA ALA C 185 18.87 14.55 20.17
C ALA C 185 20.18 15.15 19.71
N ASP C 186 21.09 14.30 19.20
CA ASP C 186 22.39 14.76 18.76
C ASP C 186 22.28 15.44 17.41
N TYR C 187 21.36 14.97 16.57
CA TYR C 187 21.17 15.70 15.33
C TYR C 187 20.56 17.05 15.67
N GLU C 188 19.58 17.08 16.58
CA GLU C 188 18.88 18.35 16.77
C GLU C 188 19.70 19.43 17.48
N LYS C 189 20.99 19.22 17.75
CA LYS C 189 21.80 20.25 18.40
C LYS C 189 22.55 21.18 17.43
N HIS C 190 22.85 20.75 16.20
CA HIS C 190 23.69 21.52 15.29
C HIS C 190 22.91 22.00 14.08
N LYS C 191 23.51 22.88 13.27
CA LYS C 191 22.80 23.48 12.15
C LYS C 191 23.32 23.02 10.79
N VAL C 192 24.61 23.20 10.51
CA VAL C 192 25.15 22.91 9.18
C VAL C 192 25.81 21.54 9.19
N TYR C 193 25.42 20.71 8.24
CA TYR C 193 26.01 19.39 8.02
C TYR C 193 26.64 19.40 6.63
N ALA C 194 27.91 19.06 6.55
CA ALA C 194 28.66 19.19 5.32
C ALA C 194 29.39 17.90 4.99
N CYS C 195 29.37 17.55 3.71
CA CYS C 195 30.11 16.43 3.17
C CYS C 195 31.21 16.99 2.27
N GLU C 196 32.46 16.70 2.60
CA GLU C 196 33.60 17.19 1.82
C GLU C 196 34.25 15.98 1.15
N VAL C 197 34.35 16.03 -0.18
CA VAL C 197 34.82 14.92 -0.98
C VAL C 197 36.12 15.32 -1.65
N THR C 198 37.15 14.50 -1.46
CA THR C 198 38.43 14.66 -2.13
C THR C 198 38.63 13.51 -3.09
N HIS C 199 38.95 13.83 -4.33
CA HIS C 199 39.14 12.84 -5.37
C HIS C 199 40.02 13.47 -6.45
N GLN C 200 40.75 12.61 -7.17
CA GLN C 200 41.70 13.11 -8.16
C GLN C 200 41.02 13.93 -9.25
N GLY C 201 39.84 13.50 -9.69
CA GLY C 201 39.15 14.23 -10.73
C GLY C 201 38.60 15.56 -10.31
N LEU C 202 38.74 15.91 -9.04
CA LEU C 202 38.26 17.17 -8.49
C LEU C 202 39.48 18.07 -8.30
N SER C 203 39.52 19.16 -9.08
CA SER C 203 40.55 20.20 -8.90
C SER C 203 40.76 20.53 -7.43
N SER C 204 39.68 20.83 -6.73
CA SER C 204 39.69 21.11 -5.31
C SER C 204 38.69 20.18 -4.63
N PRO C 205 38.86 19.92 -3.34
CA PRO C 205 37.82 19.19 -2.62
C PRO C 205 36.47 19.88 -2.75
N VAL C 206 35.43 19.09 -3.05
CA VAL C 206 34.08 19.60 -3.25
C VAL C 206 33.29 19.36 -1.97
N THR C 207 32.54 20.38 -1.54
CA THR C 207 31.71 20.30 -0.35
C THR C 207 30.25 20.50 -0.74
N LYS C 208 29.40 19.60 -0.30
CA LYS C 208 27.94 19.78 -0.34
C LYS C 208 27.43 19.84 1.08
N SER C 209 26.53 20.79 1.35
CA SER C 209 26.08 21.05 2.71
C SER C 209 24.60 21.40 2.72
N PHE C 210 24.02 21.31 3.92
CA PHE C 210 22.67 21.79 4.17
C PHE C 210 22.58 22.24 5.62
N ASN C 211 21.75 23.24 5.88
CA ASN C 211 21.38 23.62 7.24
C ASN C 211 20.06 22.95 7.58
N ARG C 212 20.01 22.41 8.81
CA ARG C 212 18.84 21.62 9.26
C ARG C 212 17.54 22.43 9.26
N GLY C 213 16.52 21.96 8.56
CA GLY C 213 15.23 22.57 8.59
C GLY C 213 15.05 23.70 7.61
N GLU C 214 15.93 23.82 6.61
CA GLU C 214 15.72 24.76 5.51
C GLU C 214 15.91 24.05 4.19
N CYS C 215 15.09 24.40 3.21
CA CYS C 215 14.98 23.66 1.96
C CYS C 215 14.41 24.53 0.85
N GLN D 1 15.93 -22.32 -21.02
CA GLN D 1 15.47 -23.69 -21.11
C GLN D 1 15.18 -24.24 -19.70
N VAL D 2 16.15 -24.90 -19.06
CA VAL D 2 15.95 -25.33 -17.68
C VAL D 2 15.76 -24.13 -16.77
N GLN D 3 14.87 -24.26 -15.80
CA GLN D 3 14.73 -23.26 -14.75
C GLN D 3 14.81 -23.95 -13.41
N LEU D 4 15.68 -23.45 -12.52
CA LEU D 4 15.88 -24.00 -11.19
C LEU D 4 15.69 -22.92 -10.16
N GLN D 5 15.05 -23.27 -9.06
CA GLN D 5 14.75 -22.30 -8.01
C GLN D 5 14.87 -22.98 -6.64
N GLU D 6 15.66 -22.39 -5.76
CA GLU D 6 15.87 -22.95 -4.43
C GLU D 6 15.02 -22.22 -3.40
N SER D 7 14.53 -22.98 -2.42
CA SER D 7 13.74 -22.46 -1.31
C SER D 7 14.41 -22.89 -0.02
N GLY D 8 14.70 -21.93 0.84
CA GLY D 8 15.43 -22.21 2.05
C GLY D 8 15.05 -21.33 3.21
N PRO D 9 15.40 -21.75 4.42
CA PRO D 9 15.12 -20.92 5.59
C PRO D 9 15.88 -19.61 5.60
N GLY D 10 17.02 -19.54 4.91
CA GLY D 10 17.84 -18.34 4.97
C GLY D 10 18.63 -18.22 6.26
N LEU D 11 17.94 -18.30 7.40
CA LEU D 11 18.55 -18.23 8.71
C LEU D 11 18.57 -19.63 9.33
N VAL D 12 19.75 -20.07 9.76
CA VAL D 12 19.91 -21.38 10.39
C VAL D 12 20.71 -21.20 11.66
N LYS D 13 20.19 -21.71 12.77
CA LYS D 13 20.92 -21.64 14.02
C LYS D 13 22.14 -22.55 13.95
N PRO D 14 23.27 -22.14 14.53
CA PRO D 14 24.47 -23.00 14.48
C PRO D 14 24.22 -24.32 15.18
N SER D 15 24.92 -25.36 14.71
CA SER D 15 24.75 -26.76 15.11
C SER D 15 23.49 -27.40 14.50
N GLU D 16 22.53 -26.59 14.07
CA GLU D 16 21.32 -27.13 13.48
C GLU D 16 21.58 -27.59 12.04
N THR D 17 20.56 -28.15 11.40
CA THR D 17 20.68 -28.70 10.05
C THR D 17 20.04 -27.77 9.04
N LEU D 18 20.76 -27.50 7.95
CA LEU D 18 20.24 -26.73 6.84
C LEU D 18 19.47 -27.65 5.90
N SER D 19 18.25 -27.26 5.55
CA SER D 19 17.41 -28.00 4.61
C SER D 19 17.03 -27.07 3.47
N LEU D 20 17.59 -27.32 2.29
CA LEU D 20 17.25 -26.57 1.09
C LEU D 20 16.53 -27.47 0.09
N THR D 21 15.70 -26.87 -0.74
CA THR D 21 14.98 -27.58 -1.78
C THR D 21 15.10 -26.82 -3.09
N CYS D 22 15.38 -27.53 -4.17
CA CYS D 22 15.46 -26.95 -5.51
C CYS D 22 14.28 -27.46 -6.33
N THR D 23 13.48 -26.53 -6.85
CA THR D 23 12.35 -26.86 -7.71
C THR D 23 12.76 -26.64 -9.17
N VAL D 24 12.51 -27.65 -9.99
CA VAL D 24 13.04 -27.70 -11.36
C VAL D 24 11.91 -27.52 -12.35
N SER D 25 12.23 -26.84 -13.46
CA SER D 25 11.28 -26.62 -14.53
C SER D 25 11.97 -26.88 -15.87
N GLY D 26 11.21 -27.42 -16.82
CA GLY D 26 11.71 -27.70 -18.13
C GLY D 26 12.38 -29.04 -18.30
N ASP D 27 13.02 -29.55 -17.24
CA ASP D 27 13.66 -30.86 -17.29
C ASP D 27 13.23 -31.67 -16.08
N SER D 28 13.27 -32.98 -16.23
CA SER D 28 12.85 -33.90 -15.19
C SER D 28 14.05 -34.47 -14.45
N VAL D 29 13.91 -34.57 -13.13
CA VAL D 29 14.90 -35.26 -12.32
C VAL D 29 14.92 -36.76 -12.61
N SER D 30 13.81 -37.31 -13.11
CA SER D 30 13.75 -38.73 -13.47
C SER D 30 14.61 -39.06 -14.67
N SER D 31 15.06 -38.05 -15.41
CA SER D 31 15.78 -38.27 -16.65
C SER D 31 17.16 -38.86 -16.40
N THR D 32 17.59 -39.69 -17.34
CA THR D 32 18.92 -40.29 -17.30
C THR D 32 20.03 -39.33 -17.73
N ASN D 33 19.69 -38.11 -18.14
CA ASN D 33 20.67 -37.23 -18.74
C ASN D 33 21.46 -36.40 -17.74
N TYR D 34 21.01 -36.28 -16.49
CA TYR D 34 21.45 -35.18 -15.65
C TYR D 34 22.11 -35.62 -14.34
N TYR D 35 22.99 -34.76 -13.86
CA TYR D 35 23.49 -34.76 -12.49
C TYR D 35 22.92 -33.54 -11.78
N TRP D 36 22.28 -33.75 -10.64
CA TRP D 36 21.64 -32.69 -9.89
C TRP D 36 22.47 -32.38 -8.65
N GLY D 37 23.02 -31.16 -8.59
CA GLY D 37 24.02 -30.83 -7.60
C GLY D 37 23.74 -29.51 -6.90
N TRP D 38 24.59 -29.23 -5.92
CA TRP D 38 24.55 -28.00 -5.15
C TRP D 38 25.94 -27.40 -5.10
N ILE D 39 26.02 -26.08 -5.24
CA ILE D 39 27.33 -25.36 -5.19
C ILE D 39 27.15 -24.16 -4.25
N ARG D 40 28.11 -23.96 -3.34
CA ARG D 40 28.02 -22.85 -2.36
C ARG D 40 29.12 -21.81 -2.64
N GLN D 41 28.90 -20.58 -2.21
CA GLN D 41 29.90 -19.48 -2.38
C GLN D 41 29.86 -18.56 -1.18
N PRO D 42 30.85 -18.63 -0.28
CA PRO D 42 30.94 -17.70 0.84
C PRO D 42 31.05 -16.29 0.25
N PRO D 43 30.50 -15.25 0.89
CA PRO D 43 30.40 -13.90 0.29
C PRO D 43 31.59 -13.43 -0.52
N GLY D 44 32.76 -13.24 0.09
CA GLY D 44 33.83 -12.73 -0.72
C GLY D 44 34.69 -13.77 -1.39
N LYS D 45 34.33 -15.05 -1.30
CA LYS D 45 35.19 -16.14 -1.73
C LYS D 45 34.61 -16.80 -2.98
N GLY D 46 35.25 -17.90 -3.39
CA GLY D 46 34.88 -18.59 -4.61
C GLY D 46 33.90 -19.73 -4.38
N LEU D 47 33.70 -20.50 -5.45
CA LEU D 47 32.67 -21.53 -5.49
C LEU D 47 33.20 -22.84 -4.93
N GLU D 48 32.38 -23.51 -4.14
CA GLU D 48 32.70 -24.84 -3.62
C GLU D 48 31.56 -25.78 -3.98
N TRP D 49 31.88 -26.82 -4.73
CA TRP D 49 30.89 -27.83 -5.05
C TRP D 49 30.60 -28.68 -3.81
N ILE D 50 29.32 -28.79 -3.46
CA ILE D 50 28.92 -29.52 -2.25
C ILE D 50 28.70 -30.98 -2.58
N GLY D 51 27.83 -31.26 -3.55
CA GLY D 51 27.50 -32.63 -3.88
C GLY D 51 26.49 -32.67 -5.01
N SER D 52 26.45 -33.83 -5.68
CA SER D 52 25.56 -34.03 -6.81
C SER D 52 24.89 -35.39 -6.68
N ILE D 53 23.76 -35.54 -7.36
CA ILE D 53 22.98 -36.78 -7.31
C ILE D 53 22.43 -37.10 -8.70
N TYR D 54 22.54 -38.37 -9.08
CA TYR D 54 21.96 -38.98 -10.28
C TYR D 54 20.72 -39.81 -9.93
N TYR D 55 19.96 -40.22 -10.94
CA TYR D 55 18.67 -40.90 -10.66
C TYR D 55 18.91 -42.24 -9.95
N ARG D 56 19.93 -42.98 -10.35
CA ARG D 56 20.13 -44.33 -9.76
C ARG D 56 20.22 -44.25 -8.23
N GLY D 57 20.48 -43.08 -7.65
CA GLY D 57 20.69 -43.00 -6.19
C GLY D 57 22.16 -42.75 -5.88
N ILE D 58 22.95 -42.44 -6.91
CA ILE D 58 24.40 -42.14 -6.72
C ILE D 58 24.51 -40.74 -6.07
N THR D 59 25.17 -40.65 -4.91
CA THR D 59 25.28 -39.36 -4.19
C THR D 59 26.74 -38.96 -4.03
N TYR D 60 27.34 -38.37 -5.05
CA TYR D 60 28.74 -37.87 -4.97
C TYR D 60 28.75 -36.63 -4.07
N ASN D 61 29.60 -36.64 -3.03
CA ASN D 61 29.68 -35.51 -2.07
C ASN D 61 31.11 -34.99 -1.98
N SER D 62 31.28 -33.80 -1.38
CA SER D 62 32.62 -33.17 -1.28
C SER D 62 33.43 -33.82 -0.17
N PRO D 63 34.71 -34.19 -0.43
CA PRO D 63 35.56 -34.79 0.57
C PRO D 63 35.69 -33.91 1.82
N SER D 64 35.41 -32.61 1.68
CA SER D 64 35.53 -31.66 2.80
C SER D 64 34.25 -31.67 3.65
N LEU D 65 33.20 -32.34 3.19
CA LEU D 65 31.97 -32.48 4.00
C LEU D 65 31.50 -33.93 3.93
N MET D 66 30.63 -34.25 2.95
CA MET D 66 30.11 -35.63 2.73
C MET D 66 29.32 -36.10 3.96
N ASN D 67 30.00 -36.40 5.07
CA ASN D 67 29.32 -36.95 6.27
C ASN D 67 28.18 -36.03 6.70
N ARG D 68 28.29 -34.74 6.39
CA ARG D 68 27.27 -33.78 6.85
C ARG D 68 26.37 -33.39 5.67
N VAL D 69 26.59 -34.00 4.51
CA VAL D 69 25.84 -33.63 3.29
C VAL D 69 24.83 -34.73 2.91
N THR D 70 23.55 -34.37 2.89
CA THR D 70 22.48 -35.32 2.50
C THR D 70 21.61 -34.69 1.40
N ILE D 71 21.66 -35.23 0.19
CA ILE D 71 20.95 -34.76 -0.99
C ILE D 71 20.01 -35.86 -1.43
N SER D 72 18.75 -35.50 -1.69
CA SER D 72 17.73 -36.48 -2.06
C SER D 72 16.95 -35.95 -3.25
N LEU D 73 16.26 -36.86 -3.92
CA LEU D 73 15.55 -36.56 -5.14
C LEU D 73 14.08 -36.95 -5.01
N ASP D 74 13.19 -36.11 -5.53
CA ASP D 74 11.75 -36.34 -5.48
C ASP D 74 11.20 -36.24 -6.91
N THR D 75 10.93 -37.38 -7.53
CA THR D 75 10.48 -37.37 -8.91
C THR D 75 9.04 -36.89 -9.03
N ALA D 76 8.19 -37.26 -8.07
CA ALA D 76 6.81 -36.79 -8.08
C ALA D 76 6.72 -35.28 -8.13
N LYS D 77 7.56 -34.59 -7.34
CA LYS D 77 7.55 -33.14 -7.24
C LYS D 77 8.46 -32.45 -8.26
N ASN D 78 9.30 -33.20 -8.97
CA ASN D 78 10.35 -32.62 -9.81
C ASN D 78 11.23 -31.69 -8.98
N GLN D 79 11.55 -32.12 -7.76
CA GLN D 79 12.44 -31.41 -6.86
C GLN D 79 13.60 -32.30 -6.45
N PHE D 80 14.67 -31.65 -6.01
CA PHE D 80 15.72 -32.33 -5.25
C PHE D 80 16.15 -31.42 -4.12
N SER D 81 16.66 -32.01 -3.05
CA SER D 81 16.85 -31.30 -1.79
C SER D 81 18.28 -31.39 -1.30
N LEU D 82 18.61 -30.51 -0.37
CA LEU D 82 19.91 -30.50 0.29
C LEU D 82 19.68 -30.46 1.79
N ASN D 83 20.40 -31.31 2.51
CA ASN D 83 20.36 -31.37 3.96
C ASN D 83 21.79 -31.31 4.46
N LEU D 84 22.17 -30.20 5.10
CA LEU D 84 23.51 -30.03 5.65
C LEU D 84 23.42 -29.97 7.17
N SER D 85 24.03 -30.94 7.84
CA SER D 85 23.92 -31.03 9.30
C SER D 85 25.06 -30.29 9.99
N SER D 86 24.79 -29.90 11.24
CA SER D 86 25.76 -29.25 12.13
C SER D 86 26.40 -28.03 11.47
N MET D 87 25.54 -27.03 11.24
CA MET D 87 25.95 -25.83 10.50
C MET D 87 26.94 -24.99 11.30
N THR D 88 27.97 -24.51 10.60
CA THR D 88 29.06 -23.72 11.16
C THR D 88 29.04 -22.33 10.54
N ALA D 89 29.65 -21.37 11.23
CA ALA D 89 29.84 -20.04 10.65
C ALA D 89 30.53 -20.10 9.31
N ALA D 90 31.45 -21.05 9.12
CA ALA D 90 32.07 -21.22 7.81
C ALA D 90 31.05 -21.57 6.75
N ASP D 91 29.91 -22.13 7.15
CA ASP D 91 28.87 -22.53 6.20
C ASP D 91 28.02 -21.39 5.69
N THR D 92 28.14 -20.19 6.27
CA THR D 92 27.42 -19.03 5.76
C THR D 92 27.87 -18.72 4.33
N ALA D 93 26.94 -18.80 3.39
CA ALA D 93 27.28 -18.68 1.98
C ALA D 93 26.00 -18.60 1.17
N VAL D 94 26.15 -18.25 -0.11
CA VAL D 94 25.08 -18.37 -1.08
C VAL D 94 25.10 -19.79 -1.63
N TYR D 95 23.94 -20.44 -1.61
CA TYR D 95 23.83 -21.84 -2.04
C TYR D 95 23.09 -21.90 -3.36
N PHE D 96 23.77 -22.40 -4.39
CA PHE D 96 23.18 -22.61 -5.70
C PHE D 96 22.85 -24.09 -5.89
N CYS D 97 21.69 -24.35 -6.48
CA CYS D 97 21.43 -25.65 -7.10
C CYS D 97 21.69 -25.48 -8.59
N ALA D 98 22.26 -26.51 -9.21
CA ALA D 98 22.66 -26.42 -10.60
C ALA D 98 22.38 -27.75 -11.28
N ASN D 99 22.42 -27.72 -12.61
CA ASN D 99 22.24 -28.88 -13.46
C ASN D 99 23.56 -29.31 -14.07
N SER D 100 23.59 -30.56 -14.57
CA SER D 100 24.77 -31.06 -15.25
C SER D 100 24.37 -32.16 -16.20
N ILE D 101 24.78 -32.03 -17.46
CA ILE D 101 24.49 -33.03 -18.48
C ILE D 101 25.63 -34.03 -18.51
N ALA D 102 25.31 -35.32 -18.53
CA ALA D 102 26.33 -36.37 -18.41
C ALA D 102 26.90 -36.65 -19.80
N VAL D 103 27.90 -35.85 -20.17
CA VAL D 103 28.58 -35.92 -21.46
C VAL D 103 29.81 -36.81 -21.30
N SER D 104 30.54 -37.04 -22.39
CA SER D 104 31.77 -37.88 -22.33
C SER D 104 32.97 -37.04 -21.92
N GLY D 105 32.87 -35.71 -22.05
CA GLY D 105 33.98 -34.82 -21.67
C GLY D 105 33.88 -34.37 -20.23
N PRO D 106 34.41 -33.19 -19.88
CA PRO D 106 34.42 -32.72 -18.50
C PRO D 106 33.06 -32.16 -18.08
N LEU D 107 32.43 -32.78 -17.09
CA LEU D 107 31.07 -32.36 -16.66
C LEU D 107 31.05 -30.86 -16.38
N TYR D 108 30.25 -30.15 -17.16
CA TYR D 108 29.96 -28.73 -16.93
C TYR D 108 28.63 -28.59 -16.18
N PHE D 109 28.18 -27.35 -16.02
CA PHE D 109 26.90 -27.09 -15.33
C PHE D 109 25.92 -26.49 -16.32
N HIS D 110 24.85 -27.21 -16.65
CA HIS D 110 23.81 -26.77 -17.57
C HIS D 110 23.20 -25.45 -17.13
N HIS D 111 22.25 -25.51 -16.21
CA HIS D 111 21.56 -24.32 -15.73
C HIS D 111 21.75 -24.17 -14.22
N TRP D 112 21.66 -22.94 -13.75
CA TRP D 112 21.81 -22.63 -12.34
C TRP D 112 20.56 -21.95 -11.83
N GLY D 113 20.29 -22.13 -10.55
CA GLY D 113 19.32 -21.29 -9.89
C GLY D 113 19.91 -19.94 -9.55
N GLN D 114 19.03 -19.02 -9.17
CA GLN D 114 19.51 -17.80 -8.54
C GLN D 114 20.09 -18.17 -7.17
N GLY D 115 20.80 -17.25 -6.56
CA GLY D 115 21.38 -17.55 -5.26
C GLY D 115 20.32 -17.61 -4.17
N THR D 116 20.63 -18.38 -3.12
CA THR D 116 19.92 -18.27 -1.86
C THR D 116 20.96 -18.14 -0.75
N LEU D 117 20.87 -17.06 0.01
CA LEU D 117 21.85 -16.76 1.04
C LEU D 117 21.45 -17.45 2.34
N VAL D 118 22.38 -18.22 2.90
CA VAL D 118 22.17 -18.94 4.14
C VAL D 118 23.07 -18.33 5.20
N THR D 119 22.46 -17.82 6.26
CA THR D 119 23.19 -17.21 7.37
C THR D 119 23.10 -18.13 8.57
N VAL D 120 24.25 -18.59 9.05
CA VAL D 120 24.32 -19.39 10.26
C VAL D 120 24.42 -18.42 11.43
N SER D 121 23.36 -18.31 12.23
CA SER D 121 23.34 -17.35 13.31
C SER D 121 22.24 -17.72 14.28
N SER D 122 22.41 -17.29 15.54
CA SER D 122 21.41 -17.45 16.57
C SER D 122 20.49 -16.25 16.71
N ALA D 123 20.83 -15.13 16.08
CA ALA D 123 20.03 -13.92 16.19
C ALA D 123 18.66 -14.11 15.55
N SER D 124 17.72 -13.28 15.98
CA SER D 124 16.35 -13.40 15.53
C SER D 124 16.15 -12.69 14.20
N THR D 125 15.08 -13.06 13.51
CA THR D 125 14.71 -12.39 12.28
C THR D 125 14.17 -11.01 12.59
N LYS D 126 14.59 -10.01 11.81
CA LYS D 126 14.10 -8.65 12.00
C LYS D 126 13.94 -7.96 10.65
N GLY D 127 12.75 -7.41 10.41
CA GLY D 127 12.44 -6.71 9.19
C GLY D 127 12.96 -5.27 9.15
N PRO D 128 13.14 -4.75 7.95
CA PRO D 128 13.72 -3.41 7.78
C PRO D 128 12.69 -2.29 7.89
N SER D 129 13.19 -1.12 8.29
CA SER D 129 12.49 0.14 8.13
C SER D 129 13.03 0.83 6.89
N VAL D 130 12.14 1.46 6.12
CA VAL D 130 12.49 2.06 4.84
C VAL D 130 12.20 3.55 4.90
N PHE D 131 13.24 4.37 4.68
CA PHE D 131 13.11 5.81 4.75
C PHE D 131 13.49 6.44 3.41
N PRO D 132 12.79 7.49 2.99
CA PRO D 132 13.06 8.10 1.69
C PRO D 132 14.26 9.03 1.74
N LEU D 133 15.06 8.99 0.67
CA LEU D 133 16.11 9.97 0.44
C LEU D 133 15.59 10.90 -0.65
N ALA D 134 14.88 11.96 -0.24
CA ALA D 134 14.19 12.79 -1.20
C ALA D 134 15.19 13.71 -1.92
N PRO D 135 14.96 14.01 -3.19
CA PRO D 135 15.83 14.96 -3.88
C PRO D 135 15.48 16.39 -3.51
N SER D 136 16.50 17.24 -3.51
CA SER D 136 16.30 18.66 -3.18
C SER D 136 16.68 19.61 -4.33
N GLY D 143 20.85 19.82 -13.54
CA GLY D 143 20.46 18.86 -14.57
C GLY D 143 20.15 17.47 -14.05
N THR D 144 20.98 16.95 -13.15
CA THR D 144 20.82 15.63 -12.58
C THR D 144 20.49 15.73 -11.10
N ALA D 145 19.46 15.01 -10.66
CA ALA D 145 19.10 14.92 -9.27
C ALA D 145 19.27 13.48 -8.80
N ALA D 146 19.40 13.32 -7.49
CA ALA D 146 19.55 12.00 -6.89
C ALA D 146 18.48 11.79 -5.83
N LEU D 147 17.93 10.58 -5.79
CA LEU D 147 16.97 10.18 -4.77
C LEU D 147 17.19 8.71 -4.46
N GLY D 148 16.58 8.25 -3.37
CA GLY D 148 16.73 6.85 -3.01
C GLY D 148 15.95 6.50 -1.77
N CYS D 149 16.22 5.29 -1.28
CA CYS D 149 15.58 4.75 -0.09
C CYS D 149 16.65 4.22 0.83
N LEU D 150 16.55 4.55 2.12
CA LEU D 150 17.43 4.04 3.15
C LEU D 150 16.77 2.84 3.82
N VAL D 151 17.39 1.67 3.68
CA VAL D 151 16.85 0.41 4.19
C VAL D 151 17.67 0.04 5.43
N LYS D 152 17.09 0.24 6.62
CA LYS D 152 17.85 0.22 7.86
C LYS D 152 17.32 -0.83 8.82
N ASP D 153 18.23 -1.40 9.61
CA ASP D 153 17.92 -2.19 10.80
C ASP D 153 17.14 -3.46 10.46
N TYR D 154 17.71 -4.31 9.60
CA TYR D 154 17.11 -5.60 9.26
C TYR D 154 18.13 -6.71 9.48
N PHE D 155 17.63 -7.93 9.57
CA PHE D 155 18.46 -9.11 9.77
C PHE D 155 17.63 -10.37 9.49
N PRO D 156 18.20 -11.35 8.78
CA PRO D 156 19.55 -11.23 8.23
C PRO D 156 19.56 -10.67 6.81
N GLU D 157 20.73 -10.70 6.18
CA GLU D 157 20.81 -10.46 4.75
C GLU D 157 20.07 -11.57 3.99
N PRO D 158 19.54 -11.29 2.78
CA PRO D 158 19.59 -10.05 2.02
C PRO D 158 18.23 -9.36 1.90
N VAL D 159 18.24 -8.14 1.38
CA VAL D 159 17.03 -7.48 0.90
C VAL D 159 17.21 -7.26 -0.59
N THR D 160 16.10 -7.32 -1.31
CA THR D 160 16.07 -6.91 -2.71
C THR D 160 15.39 -5.55 -2.80
N VAL D 161 15.97 -4.65 -3.59
CA VAL D 161 15.40 -3.34 -3.84
C VAL D 161 15.21 -3.19 -5.34
N SER D 162 14.00 -2.86 -5.76
CA SER D 162 13.72 -2.48 -7.13
C SER D 162 13.01 -1.13 -7.12
N TRP D 163 13.05 -0.46 -8.27
CA TRP D 163 12.41 0.83 -8.44
C TRP D 163 11.30 0.71 -9.49
N ASN D 164 10.09 1.12 -9.12
CA ASN D 164 8.93 1.13 -10.01
C ASN D 164 8.66 -0.28 -10.56
N SER D 165 8.58 -1.26 -9.66
CA SER D 165 8.30 -2.65 -10.00
C SER D 165 9.24 -3.18 -11.08
N GLY D 166 10.48 -2.67 -11.09
CA GLY D 166 11.49 -3.09 -12.04
C GLY D 166 11.57 -2.26 -13.31
N ALA D 167 10.66 -1.31 -13.52
CA ALA D 167 10.69 -0.52 -14.73
C ALA D 167 11.86 0.45 -14.76
N LEU D 168 12.37 0.84 -13.60
CA LEU D 168 13.46 1.79 -13.48
C LEU D 168 14.72 1.05 -13.05
N THR D 169 15.64 0.86 -14.00
CA THR D 169 16.91 0.20 -13.71
C THR D 169 18.13 1.06 -14.03
N SER D 170 18.11 1.80 -15.13
CA SER D 170 19.24 2.64 -15.48
C SER D 170 19.52 3.65 -14.37
N GLY D 171 20.79 3.76 -13.99
CA GLY D 171 21.20 4.69 -12.97
C GLY D 171 20.87 4.29 -11.55
N VAL D 172 20.46 3.05 -11.32
CA VAL D 172 20.16 2.56 -9.98
C VAL D 172 21.43 2.00 -9.36
N HIS D 173 21.72 2.42 -8.13
CA HIS D 173 22.84 1.89 -7.35
C HIS D 173 22.29 1.39 -6.02
N THR D 174 22.27 0.07 -5.83
CA THR D 174 21.93 -0.52 -4.54
C THR D 174 23.23 -0.91 -3.87
N PHE D 175 23.56 -0.24 -2.78
CA PHE D 175 24.89 -0.40 -2.19
C PHE D 175 24.96 -1.69 -1.38
N PRO D 176 26.16 -2.26 -1.27
CA PRO D 176 26.35 -3.38 -0.33
C PRO D 176 25.93 -2.97 1.07
N ALA D 177 25.29 -3.91 1.76
CA ALA D 177 24.86 -3.64 3.12
C ALA D 177 26.06 -3.61 4.05
N VAL D 178 25.99 -2.75 5.05
CA VAL D 178 26.99 -2.69 6.11
C VAL D 178 26.37 -3.20 7.39
N LEU D 179 27.18 -3.87 8.19
CA LEU D 179 26.77 -4.38 9.50
C LEU D 179 26.99 -3.28 10.53
N GLN D 180 25.92 -2.88 11.20
CA GLN D 180 25.99 -1.80 12.18
C GLN D 180 26.35 -2.33 13.56
N SER D 181 26.79 -1.43 14.43
CA SER D 181 27.12 -1.72 15.83
C SER D 181 26.07 -2.59 16.48
N SER D 182 24.80 -2.36 16.14
CA SER D 182 23.68 -3.09 16.72
C SER D 182 23.62 -4.54 16.26
N GLY D 183 24.39 -4.91 15.24
CA GLY D 183 24.27 -6.22 14.64
C GLY D 183 23.24 -6.30 13.53
N LEU D 184 22.54 -5.21 13.24
CA LEU D 184 21.56 -5.14 12.16
C LEU D 184 22.20 -4.58 10.90
N TYR D 185 21.66 -4.94 9.75
CA TYR D 185 22.19 -4.50 8.48
C TYR D 185 21.51 -3.21 8.02
N SER D 186 22.22 -2.47 7.17
CA SER D 186 21.69 -1.23 6.62
C SER D 186 22.29 -0.98 5.25
N LEU D 187 21.45 -0.57 4.31
CA LEU D 187 21.93 -0.16 3.00
C LEU D 187 21.07 0.97 2.46
N SER D 188 21.60 1.65 1.46
CA SER D 188 20.83 2.63 0.71
C SER D 188 20.85 2.23 -0.75
N SER D 189 19.70 2.43 -1.41
CA SER D 189 19.57 2.26 -2.85
C SER D 189 19.22 3.63 -3.42
N VAL D 190 19.99 4.08 -4.42
CA VAL D 190 19.81 5.40 -5.00
C VAL D 190 19.69 5.26 -6.50
N VAL D 191 19.12 6.29 -7.12
CA VAL D 191 19.02 6.40 -8.56
C VAL D 191 19.21 7.86 -8.94
N THR D 192 19.92 8.10 -10.04
CA THR D 192 20.07 9.44 -10.58
C THR D 192 19.04 9.65 -11.68
N VAL D 193 18.25 10.71 -11.55
CA VAL D 193 17.21 11.03 -12.53
C VAL D 193 17.38 12.49 -12.91
N PRO D 194 16.83 12.89 -14.06
CA PRO D 194 16.90 14.31 -14.45
C PRO D 194 16.07 15.18 -13.50
N SER D 195 16.62 16.35 -13.18
CA SER D 195 15.90 17.30 -12.33
C SER D 195 14.59 17.75 -12.95
N SER D 196 14.50 17.78 -14.29
CA SER D 196 13.25 18.15 -14.96
C SER D 196 12.12 17.18 -14.61
N SER D 197 12.40 15.87 -14.69
CA SER D 197 11.39 14.84 -14.45
C SER D 197 10.69 15.01 -13.11
N LEU D 198 11.39 15.49 -12.09
CA LEU D 198 10.85 15.60 -10.73
C LEU D 198 9.62 16.48 -10.72
N GLY D 199 8.46 15.89 -10.43
CA GLY D 199 7.21 16.61 -10.58
C GLY D 199 6.29 15.86 -11.52
N THR D 200 6.81 15.51 -12.70
CA THR D 200 6.07 14.69 -13.64
C THR D 200 6.24 13.19 -13.43
N GLN D 201 7.28 12.75 -12.72
CA GLN D 201 7.62 11.34 -12.62
C GLN D 201 7.45 10.83 -11.18
N THR D 202 6.88 9.64 -11.05
CA THR D 202 6.78 8.95 -9.77
C THR D 202 7.98 8.03 -9.58
N TYR D 203 8.48 7.99 -8.35
CA TYR D 203 9.58 7.10 -8.00
C TYR D 203 9.19 6.32 -6.75
N ILE D 204 9.06 5.00 -6.90
CA ILE D 204 8.71 4.11 -5.80
C ILE D 204 9.78 3.03 -5.73
N CYS D 205 10.36 2.85 -4.56
CA CYS D 205 11.29 1.76 -4.32
C CYS D 205 10.54 0.59 -3.69
N ASN D 206 10.79 -0.61 -4.20
CA ASN D 206 10.16 -1.83 -3.72
C ASN D 206 11.19 -2.64 -2.95
N VAL D 207 10.95 -2.82 -1.66
CA VAL D 207 11.89 -3.47 -0.75
C VAL D 207 11.29 -4.81 -0.32
N ASN D 208 12.02 -5.89 -0.58
CA ASN D 208 11.62 -7.23 -0.18
C ASN D 208 12.68 -7.82 0.74
N HIS D 209 12.25 -8.27 1.91
CA HIS D 209 13.11 -8.96 2.87
C HIS D 209 12.46 -10.31 3.13
N LYS D 210 12.88 -11.32 2.37
CA LYS D 210 12.24 -12.63 2.47
C LYS D 210 12.37 -13.30 3.84
N PRO D 211 13.52 -13.27 4.53
CA PRO D 211 13.60 -13.94 5.85
C PRO D 211 12.57 -13.43 6.85
N SER D 212 12.06 -12.21 6.70
CA SER D 212 11.04 -11.68 7.59
C SER D 212 9.68 -11.55 6.91
N ASN D 213 9.58 -11.97 5.64
CA ASN D 213 8.38 -11.81 4.84
C ASN D 213 7.77 -10.41 4.96
N THR D 214 8.63 -9.41 4.84
CA THR D 214 8.19 -8.02 4.80
C THR D 214 8.39 -7.48 3.39
N LYS D 215 7.44 -6.67 2.94
CA LYS D 215 7.40 -6.17 1.56
C LYS D 215 6.88 -4.74 1.65
N VAL D 216 7.76 -3.78 1.38
CA VAL D 216 7.45 -2.36 1.57
C VAL D 216 7.63 -1.64 0.24
N ASP D 217 6.63 -0.86 -0.15
CA ASP D 217 6.76 0.14 -1.20
C ASP D 217 6.81 1.51 -0.55
N LYS D 218 7.79 2.33 -0.94
CA LYS D 218 7.90 3.69 -0.42
C LYS D 218 7.98 4.66 -1.58
N ARG D 219 7.08 5.64 -1.59
CA ARG D 219 7.12 6.68 -2.61
C ARG D 219 8.10 7.76 -2.19
N VAL D 220 8.99 8.15 -3.11
CA VAL D 220 10.01 9.16 -2.83
C VAL D 220 9.60 10.42 -3.60
N GLU D 221 9.18 11.44 -2.86
CA GLU D 221 8.72 12.71 -3.42
C GLU D 221 9.68 13.84 -3.07
N PRO D 222 9.87 14.79 -3.98
CA PRO D 222 10.69 15.97 -3.66
C PRO D 222 10.09 16.80 -2.53
N LYS D 223 10.96 17.34 -1.69
CA LYS D 223 10.54 18.12 -0.53
C LYS D 223 11.06 19.55 -0.64
#